data_9KDF
#
_entry.id   9KDF
#
_cell.length_a   1.00
_cell.length_b   1.00
_cell.length_c   1.00
_cell.angle_alpha   90.00
_cell.angle_beta   90.00
_cell.angle_gamma   90.00
#
_symmetry.space_group_name_H-M   'P 1'
#
loop_
_entity.id
_entity.type
_entity.pdbx_description
1 polymer 'Calcineurin-fusion endothelin receptor type-B'
2 polymer 'Peptidyl-prolyl cis-trans isomerase FKBP1B'
3 polymer RES-701-3
4 non-polymer 'CALCIUM ION'
5 non-polymer 'FE (III) ION'
6 non-polymer 'ZINC ION'
7 non-polymer 8-DEETHYL-8-[BUT-3-ENYL]-ASCOMYCIN
#
loop_
_entity_poly.entity_id
_entity_poly.type
_entity_poly.pdbx_seq_one_letter_code
_entity_poly.pdbx_strand_id
1 'polypeptide(L)'
;AMGQPVGAPGFPPDRATPLLQTAEIMTPPTKTLWPKGENLYFQGGGLAPAEVPKGDRTAGSPPRTISPPPCQGPIEIKET
FKYINTVVSCLVFVLGIIGNSTLLYIIYKNKCMRNGPNILIASLALGDLLHIVIAIPINVYKLLAEDWPFGAEMCKLVPF
IQKASVGITVLSLCALSIDRYRAVASWSRIKGIGVPKWTAVEIVLIWVVSVVLAVPEAIGFDIITMDYKGSYLRICLLHP
VQKTAFMQFYATAKDWWLFSFYFCLPLAITAFFYTLMTCEMLRKKDADEIKRLGKRFKKLDLDNSGSLSVEEFMSLPELQ
QNPLVQRVIDIFDTDGNGEVDFKEFIEGVSQFSVKGDKEQKLRFAFRIYDMDKDGYISNGELFQVLKMMVGNNLKDTQLQ
QIVDKTIINADKDGDGRISFEEFCAVVGGLDIHKKMVVDVDHLKQRREVAKTVFCLVLVFALCWLPLHLARILKLTLYNQ
NDPNRCELLSFLLVLDYIGINMASLNSCANPIALYLVSKRFKNAFKSALCCWAQSSGGGGSGGSSSGGVVKAVPFPPSHR
LTAKEVFDNDGKPRVDILKAHLMKEGRLEETVALRIITEGASILRQEKNLLDIDAPVTVCGDIHGQFFDLMKLFEVGGSP
ANTRYLFLGDYVDRGYFSIECVLYLWALKILYPKTLFLLRGNHECRHLTEYFTFKQECKIKYSERVYDACMDAFDCLPLA
ALMNQQFLCVHGGLSPEINTLDDIRKLDRFKEPPAYGPMCDILWSDPLEDFGNEKTQEHFTHNTVRGCSYFYSYPAVCEF
LQHNNLLSILRAHEAQDAGYRMYRKSQTTGFPSLITIFSAPNYLDVYNNKAAVLKYENNVMNIRQFNCSPHPYWLPNFMD
VFTWSLPFVGEKVTEMLVNVLNLEVLFQ
;
R
2 'polypeptide(L)'
;MGSGVEIETISPGDGRTFPKKGQTCVVHYTGMLQNGKKFDSSRDRNKPFKFRIGKQEVIKGFEEGAAQMSLGQRAKLTCT
PDVAYGATGHPGVIPPNATLIFDVELLNLEHHHHHH
;
F
3 'polypeptide(L)' GNWHGTSPDWFFNYYW A
#
loop_
_chem_comp.id
_chem_comp.type
_chem_comp.name
_chem_comp.formula
CA non-polymer 'CALCIUM ION' 'Ca 2'
FE non-polymer 'FE (III) ION' 'Fe 3'
FK5 non-polymer 8-DEETHYL-8-[BUT-3-ENYL]-ASCOMYCIN 'C44 H69 N O12'
ZN non-polymer 'ZINC ION' 'Zn 2'
#
# COMPACT_ATOMS: atom_id res chain seq x y z
N PRO A 74 -20.72 -36.54 -47.31
CA PRO A 74 -19.27 -36.43 -47.13
C PRO A 74 -18.71 -35.10 -47.62
N ILE A 75 -18.72 -34.87 -48.93
CA ILE A 75 -18.20 -33.63 -49.48
C ILE A 75 -19.04 -32.44 -49.01
N GLU A 76 -20.36 -32.59 -49.02
CA GLU A 76 -21.25 -31.51 -48.61
C GLU A 76 -21.03 -31.14 -47.15
N ILE A 77 -20.84 -32.15 -46.29
CA ILE A 77 -20.61 -31.90 -44.88
C ILE A 77 -19.33 -31.10 -44.68
N LYS A 78 -18.26 -31.47 -45.38
CA LYS A 78 -17.00 -30.74 -45.28
C LYS A 78 -17.15 -29.31 -45.78
N GLU A 79 -17.82 -29.12 -46.92
CA GLU A 79 -17.98 -27.79 -47.47
C GLU A 79 -18.84 -26.90 -46.57
N THR A 80 -19.83 -27.49 -45.89
CA THR A 80 -20.65 -26.70 -44.98
C THR A 80 -19.91 -26.40 -43.67
N PHE A 81 -19.10 -27.35 -43.20
CA PHE A 81 -18.44 -27.20 -41.90
C PHE A 81 -17.15 -26.38 -41.97
N LYS A 82 -16.60 -26.13 -43.16
CA LYS A 82 -15.44 -25.25 -43.23
C LYS A 82 -15.74 -23.86 -42.69
N TYR A 83 -16.89 -23.29 -43.09
CA TYR A 83 -17.28 -21.97 -42.60
C TYR A 83 -17.50 -22.00 -41.10
N ILE A 84 -18.14 -23.05 -40.60
CA ILE A 84 -18.37 -23.18 -39.16
C ILE A 84 -17.03 -23.22 -38.42
N ASN A 85 -16.07 -23.99 -38.94
CA ASN A 85 -14.78 -24.10 -38.29
C ASN A 85 -14.04 -22.76 -38.27
N THR A 86 -14.07 -22.02 -39.38
CA THR A 86 -13.35 -20.75 -39.39
C THR A 86 -14.02 -19.72 -38.47
N VAL A 87 -15.36 -19.72 -38.41
CA VAL A 87 -16.03 -18.83 -37.47
C VAL A 87 -15.71 -19.21 -36.02
N VAL A 88 -15.68 -20.51 -35.72
CA VAL A 88 -15.28 -20.96 -34.40
C VAL A 88 -13.86 -20.52 -34.07
N SER A 89 -12.95 -20.65 -35.03
CA SER A 89 -11.57 -20.23 -34.78
C SER A 89 -11.48 -18.74 -34.47
N CYS A 90 -12.17 -17.91 -35.25
CA CYS A 90 -12.14 -16.47 -34.98
C CYS A 90 -12.76 -16.14 -33.62
N LEU A 91 -13.88 -16.78 -33.30
CA LEU A 91 -14.55 -16.50 -32.02
C LEU A 91 -13.68 -16.91 -30.85
N VAL A 92 -13.06 -18.09 -30.92
CA VAL A 92 -12.17 -18.52 -29.85
C VAL A 92 -10.98 -17.57 -29.73
N PHE A 93 -10.39 -17.18 -30.86
CA PHE A 93 -9.31 -16.20 -30.84
C PHE A 93 -9.70 -14.97 -30.04
N VAL A 94 -10.78 -14.30 -30.46
CA VAL A 94 -11.15 -13.02 -29.85
C VAL A 94 -11.50 -13.21 -28.37
N LEU A 95 -12.39 -14.17 -28.07
CA LEU A 95 -12.85 -14.33 -26.70
C LEU A 95 -11.72 -14.76 -25.78
N GLY A 96 -10.88 -15.70 -26.23
CA GLY A 96 -9.77 -16.14 -25.40
C GLY A 96 -8.80 -15.02 -25.09
N ILE A 97 -8.41 -14.26 -26.11
CA ILE A 97 -7.47 -13.16 -25.86
C ILE A 97 -8.07 -12.18 -24.86
N ILE A 98 -9.30 -11.72 -25.12
CA ILE A 98 -9.88 -10.69 -24.26
C ILE A 98 -10.05 -11.20 -22.84
N GLY A 99 -10.67 -12.38 -22.69
CA GLY A 99 -10.96 -12.89 -21.36
C GLY A 99 -9.71 -13.23 -20.57
N ASN A 100 -8.75 -13.92 -21.19
CA ASN A 100 -7.55 -14.30 -20.47
C ASN A 100 -6.69 -13.09 -20.14
N SER A 101 -6.61 -12.10 -21.04
CA SER A 101 -5.88 -10.89 -20.72
C SER A 101 -6.51 -10.16 -19.55
N THR A 102 -7.85 -10.06 -19.54
CA THR A 102 -8.52 -9.40 -18.41
C THR A 102 -8.32 -10.18 -17.11
N LEU A 103 -8.37 -11.50 -17.17
CA LEU A 103 -8.19 -12.31 -15.97
C LEU A 103 -6.78 -12.14 -15.40
N LEU A 104 -5.76 -12.19 -16.26
CA LEU A 104 -4.41 -11.97 -15.78
C LEU A 104 -4.22 -10.56 -15.25
N TYR A 105 -4.84 -9.56 -15.90
CA TYR A 105 -4.78 -8.20 -15.38
C TYR A 105 -5.34 -8.13 -13.98
N ILE A 106 -6.49 -8.77 -13.75
CA ILE A 106 -7.05 -8.84 -12.39
C ILE A 106 -6.06 -9.47 -11.42
N ILE A 107 -5.43 -10.57 -11.83
CA ILE A 107 -4.51 -11.26 -10.93
C ILE A 107 -3.35 -10.34 -10.55
N TYR A 108 -2.77 -9.64 -11.52
CA TYR A 108 -1.54 -8.92 -11.23
C TYR A 108 -1.72 -7.43 -10.89
N LYS A 109 -2.94 -6.89 -10.88
CA LYS A 109 -3.13 -5.54 -10.37
C LYS A 109 -3.86 -5.54 -9.03
N ASN A 110 -4.92 -6.35 -8.92
CA ASN A 110 -5.71 -6.40 -7.70
C ASN A 110 -4.98 -7.22 -6.64
N LYS A 111 -4.63 -6.59 -5.52
CA LYS A 111 -3.72 -7.20 -4.56
C LYS A 111 -4.35 -8.34 -3.75
N CYS A 112 -5.68 -8.41 -3.67
CA CYS A 112 -6.30 -9.46 -2.88
C CYS A 112 -6.24 -10.81 -3.59
N MET A 113 -6.34 -10.80 -4.91
CA MET A 113 -6.40 -12.03 -5.70
C MET A 113 -5.19 -12.93 -5.51
N ARG A 114 -4.04 -12.38 -5.11
CA ARG A 114 -2.83 -13.18 -4.98
C ARG A 114 -2.85 -14.07 -3.76
N ASN A 115 -3.71 -13.80 -2.78
CA ASN A 115 -3.63 -14.49 -1.50
C ASN A 115 -3.99 -15.96 -1.62
N GLY A 116 -4.99 -16.30 -2.41
CA GLY A 116 -5.44 -17.67 -2.52
C GLY A 116 -4.74 -18.41 -3.63
N PRO A 117 -5.27 -19.59 -3.98
CA PRO A 117 -4.77 -20.34 -5.14
C PRO A 117 -5.12 -19.73 -6.48
N ASN A 118 -5.64 -18.50 -6.50
CA ASN A 118 -6.05 -17.85 -7.74
C ASN A 118 -4.91 -17.73 -8.73
N ILE A 119 -3.67 -17.70 -8.27
CA ILE A 119 -2.55 -17.60 -9.21
C ILE A 119 -2.44 -18.85 -10.07
N LEU A 120 -2.85 -20.01 -9.54
CA LEU A 120 -2.97 -21.20 -10.38
C LEU A 120 -3.94 -20.92 -11.53
N ILE A 121 -5.06 -20.26 -11.23
CA ILE A 121 -5.97 -19.81 -12.29
C ILE A 121 -5.22 -18.96 -13.29
N ALA A 122 -4.36 -18.06 -12.81
CA ALA A 122 -3.55 -17.24 -13.71
C ALA A 122 -2.71 -18.10 -14.63
N SER A 123 -2.12 -19.17 -14.08
CA SER A 123 -1.36 -20.09 -14.92
C SER A 123 -2.25 -20.67 -16.01
N LEU A 124 -3.47 -21.05 -15.65
CA LEU A 124 -4.42 -21.52 -16.66
C LEU A 124 -4.59 -20.48 -17.77
N ALA A 125 -4.68 -19.21 -17.39
CA ALA A 125 -4.74 -18.16 -18.40
C ALA A 125 -3.54 -18.23 -19.33
N LEU A 126 -2.33 -18.34 -18.77
CA LEU A 126 -1.17 -18.56 -19.62
C LEU A 126 -1.36 -19.81 -20.46
N GLY A 127 -1.80 -20.92 -19.82
CA GLY A 127 -2.02 -22.15 -20.54
C GLY A 127 -3.01 -22.01 -21.67
N ASP A 128 -3.83 -20.96 -21.66
CA ASP A 128 -4.69 -20.64 -22.77
C ASP A 128 -4.03 -19.68 -23.75
N LEU A 129 -3.41 -18.61 -23.25
CA LEU A 129 -2.99 -17.53 -24.13
C LEU A 129 -1.93 -17.99 -25.11
N LEU A 130 -0.92 -18.72 -24.64
CA LEU A 130 0.10 -19.26 -25.53
C LEU A 130 -0.51 -20.13 -26.60
N HIS A 131 -1.61 -20.81 -26.29
CA HIS A 131 -2.29 -21.61 -27.30
C HIS A 131 -3.12 -20.74 -28.25
N ILE A 132 -3.70 -19.66 -27.74
CA ILE A 132 -4.71 -18.94 -28.53
C ILE A 132 -4.05 -18.09 -29.60
N VAL A 133 -3.02 -17.32 -29.24
CA VAL A 133 -2.44 -16.38 -30.19
C VAL A 133 -1.52 -17.04 -31.21
N ILE A 134 -1.06 -18.26 -30.93
CA ILE A 134 -0.10 -18.93 -31.80
C ILE A 134 -0.77 -20.02 -32.64
N ALA A 135 -1.48 -20.94 -32.00
CA ALA A 135 -2.03 -22.10 -32.70
C ALA A 135 -3.29 -21.77 -33.49
N ILE A 136 -4.14 -20.91 -32.95
CA ILE A 136 -5.41 -20.62 -33.63
C ILE A 136 -5.21 -19.93 -34.98
N PRO A 137 -4.48 -18.81 -35.08
CA PRO A 137 -4.36 -18.14 -36.39
C PRO A 137 -3.76 -19.03 -37.46
N ILE A 138 -2.74 -19.81 -37.12
CA ILE A 138 -2.12 -20.70 -38.10
C ILE A 138 -3.16 -21.66 -38.67
N ASN A 139 -3.91 -22.31 -37.79
CA ASN A 139 -4.99 -23.19 -38.24
C ASN A 139 -5.96 -22.46 -39.14
N VAL A 140 -6.20 -21.17 -38.87
CA VAL A 140 -7.10 -20.39 -39.73
C VAL A 140 -6.64 -20.45 -41.17
N TYR A 141 -5.34 -20.26 -41.42
CA TYR A 141 -4.83 -20.36 -42.79
C TYR A 141 -5.14 -21.73 -43.38
N LYS A 142 -4.94 -22.78 -42.60
CA LYS A 142 -5.27 -24.13 -43.07
C LYS A 142 -6.73 -24.21 -43.46
N LEU A 143 -7.61 -23.59 -42.68
CA LEU A 143 -9.04 -23.65 -42.96
C LEU A 143 -9.39 -22.97 -44.27
N LEU A 144 -8.49 -22.16 -44.82
CA LEU A 144 -8.68 -21.55 -46.14
C LEU A 144 -7.64 -22.02 -47.15
N ALA A 145 -6.89 -23.07 -46.82
CA ALA A 145 -5.84 -23.55 -47.73
C ALA A 145 -6.23 -24.83 -48.47
N GLU A 146 -7.20 -25.59 -47.95
CA GLU A 146 -7.66 -26.85 -48.54
C GLU A 146 -6.55 -27.89 -48.66
N ASP A 147 -5.36 -27.59 -48.15
CA ASP A 147 -4.19 -28.46 -48.14
C ASP A 147 -3.35 -28.19 -46.91
N TRP A 148 -2.13 -28.70 -46.89
CA TRP A 148 -1.20 -28.38 -45.81
C TRP A 148 -0.09 -27.50 -46.37
N PRO A 149 -0.10 -26.20 -46.11
CA PRO A 149 0.86 -25.28 -46.74
C PRO A 149 2.16 -25.09 -45.99
N PHE A 150 2.22 -25.42 -44.71
CA PHE A 150 3.39 -25.12 -43.89
C PHE A 150 4.38 -26.28 -43.92
N GLY A 151 5.58 -26.02 -43.41
CA GLY A 151 6.65 -26.99 -43.40
C GLY A 151 6.69 -27.79 -42.12
N ALA A 152 7.87 -28.36 -41.83
CA ALA A 152 8.03 -29.17 -40.63
C ALA A 152 7.94 -28.33 -39.36
N GLU A 153 8.29 -27.05 -39.44
CA GLU A 153 8.34 -26.21 -38.24
C GLU A 153 6.97 -26.05 -37.61
N MET A 154 5.97 -25.62 -38.40
CA MET A 154 4.64 -25.44 -37.83
C MET A 154 3.98 -26.78 -37.52
N CYS A 155 4.18 -27.77 -38.40
CA CYS A 155 3.72 -29.14 -38.17
C CYS A 155 4.21 -29.72 -36.86
N LYS A 156 5.40 -29.30 -36.41
CA LYS A 156 5.95 -29.76 -35.14
C LYS A 156 5.61 -28.82 -33.98
N LEU A 157 5.34 -27.55 -34.26
CA LEU A 157 5.12 -26.55 -33.21
C LEU A 157 3.68 -26.52 -32.71
N VAL A 158 2.71 -26.36 -33.62
CA VAL A 158 1.33 -26.12 -33.18
C VAL A 158 0.77 -27.29 -32.36
N PRO A 159 0.86 -28.55 -32.79
CA PRO A 159 0.36 -29.63 -31.93
C PRO A 159 1.10 -29.74 -30.61
N PHE A 160 2.40 -29.41 -30.59
CA PHE A 160 3.09 -29.30 -29.32
C PHE A 160 2.44 -28.28 -28.41
N ILE A 161 2.02 -27.13 -28.98
CA ILE A 161 1.35 -26.12 -28.20
C ILE A 161 0.04 -26.65 -27.64
N GLN A 162 -0.76 -27.34 -28.46
CA GLN A 162 -2.04 -27.83 -27.94
C GLN A 162 -1.84 -28.87 -26.85
N LYS A 163 -0.90 -29.79 -27.02
CA LYS A 163 -0.63 -30.79 -25.97
C LYS A 163 -0.12 -30.13 -24.70
N ALA A 164 0.76 -29.15 -24.83
CA ALA A 164 1.25 -28.44 -23.65
C ALA A 164 0.12 -27.72 -22.93
N SER A 165 -0.79 -27.08 -23.68
CA SER A 165 -1.91 -26.38 -23.06
C SER A 165 -2.84 -27.35 -22.34
N VAL A 166 -3.14 -28.49 -22.96
CA VAL A 166 -4.02 -29.47 -22.32
C VAL A 166 -3.38 -30.03 -21.05
N GLY A 167 -2.07 -30.31 -21.11
CA GLY A 167 -1.38 -30.77 -19.91
C GLY A 167 -1.38 -29.73 -18.82
N ILE A 168 -1.18 -28.45 -19.18
CA ILE A 168 -1.21 -27.39 -18.19
C ILE A 168 -2.58 -27.34 -17.52
N THR A 169 -3.65 -27.41 -18.33
CA THR A 169 -4.99 -27.32 -17.76
C THR A 169 -5.28 -28.50 -16.83
N VAL A 170 -4.98 -29.72 -17.26
CA VAL A 170 -5.31 -30.90 -16.45
C VAL A 170 -4.50 -30.89 -15.15
N LEU A 171 -3.20 -30.62 -15.23
CA LEU A 171 -2.39 -30.58 -14.03
C LEU A 171 -2.80 -29.45 -13.10
N SER A 172 -3.16 -28.28 -13.65
CA SER A 172 -3.60 -27.19 -12.80
C SER A 172 -4.88 -27.56 -12.05
N LEU A 173 -5.85 -28.14 -12.75
CA LEU A 173 -7.09 -28.53 -12.06
C LEU A 173 -6.82 -29.57 -10.99
N CYS A 174 -6.03 -30.59 -11.30
CA CYS A 174 -5.74 -31.63 -10.31
C CYS A 174 -5.03 -31.05 -9.10
N ALA A 175 -3.97 -30.27 -9.33
CA ALA A 175 -3.20 -29.72 -8.23
C ALA A 175 -4.03 -28.77 -7.38
N LEU A 176 -4.88 -27.96 -8.02
CA LEU A 176 -5.69 -27.01 -7.27
C LEU A 176 -6.72 -27.74 -6.40
N SER A 177 -7.35 -28.79 -6.95
CA SER A 177 -8.31 -29.56 -6.18
C SER A 177 -7.63 -30.23 -4.99
N ILE A 178 -6.46 -30.84 -5.21
CA ILE A 178 -5.73 -31.46 -4.12
C ILE A 178 -5.33 -30.43 -3.08
N ASP A 179 -4.85 -29.25 -3.52
CA ASP A 179 -4.44 -28.20 -2.62
C ASP A 179 -5.59 -27.74 -1.73
N ARG A 180 -6.79 -27.55 -2.27
CA ARG A 180 -7.84 -27.09 -1.37
C ARG A 180 -8.49 -28.23 -0.60
N TYR A 181 -8.33 -29.48 -1.05
CA TYR A 181 -8.64 -30.58 -0.15
C TYR A 181 -7.76 -30.50 1.10
N ARG A 182 -6.48 -30.22 0.90
CA ARG A 182 -5.59 -29.93 2.02
C ARG A 182 -6.09 -28.72 2.81
N ALA A 183 -6.52 -27.68 2.10
CA ALA A 183 -6.86 -26.42 2.76
C ALA A 183 -8.03 -26.58 3.73
N VAL A 184 -9.10 -27.26 3.30
CA VAL A 184 -10.27 -27.35 4.16
C VAL A 184 -10.12 -28.48 5.18
N ALA A 185 -9.20 -29.42 4.97
CA ALA A 185 -9.02 -30.54 5.88
C ALA A 185 -7.65 -30.44 6.56
N SER A 186 -7.26 -31.50 7.28
CA SER A 186 -5.98 -31.52 7.96
C SER A 186 -4.82 -31.44 6.96
N PRO A 196 2.76 -18.74 -0.41
CA PRO A 196 3.52 -19.92 -0.01
C PRO A 196 4.54 -20.36 -1.05
N LYS A 197 5.70 -20.82 -0.60
CA LYS A 197 6.73 -21.30 -1.52
C LYS A 197 6.23 -22.53 -2.28
N TRP A 198 5.52 -23.42 -1.60
CA TRP A 198 5.03 -24.63 -2.24
C TRP A 198 4.15 -24.33 -3.44
N THR A 199 3.40 -23.22 -3.40
CA THR A 199 2.56 -22.87 -4.54
C THR A 199 3.38 -22.52 -5.78
N ALA A 200 4.44 -21.72 -5.62
CA ALA A 200 5.29 -21.40 -6.76
C ALA A 200 6.03 -22.64 -7.26
N VAL A 201 6.50 -23.49 -6.34
CA VAL A 201 7.18 -24.71 -6.75
C VAL A 201 6.21 -25.61 -7.51
N GLU A 202 4.94 -25.65 -7.08
CA GLU A 202 3.94 -26.45 -7.77
C GLU A 202 3.65 -25.90 -9.16
N ILE A 203 3.59 -24.57 -9.31
CA ILE A 203 3.41 -23.98 -10.63
C ILE A 203 4.55 -24.38 -11.56
N VAL A 204 5.78 -24.25 -11.08
CA VAL A 204 6.94 -24.61 -11.88
C VAL A 204 6.90 -26.08 -12.25
N LEU A 205 6.57 -26.94 -11.29
CA LEU A 205 6.51 -28.38 -11.54
C LEU A 205 5.43 -28.71 -12.56
N ILE A 206 4.27 -28.07 -12.46
CA ILE A 206 3.19 -28.29 -13.41
C ILE A 206 3.66 -27.95 -14.83
N TRP A 207 4.28 -26.79 -14.99
CA TRP A 207 4.71 -26.41 -16.34
C TRP A 207 5.80 -27.34 -16.85
N VAL A 208 6.76 -27.70 -16.01
CA VAL A 208 7.84 -28.57 -16.46
C VAL A 208 7.30 -29.94 -16.88
N VAL A 209 6.41 -30.52 -16.07
CA VAL A 209 5.85 -31.82 -16.39
C VAL A 209 5.01 -31.75 -17.66
N SER A 210 4.21 -30.69 -17.83
CA SER A 210 3.42 -30.57 -19.05
C SER A 210 4.31 -30.51 -20.28
N VAL A 211 5.37 -29.69 -20.21
CA VAL A 211 6.25 -29.58 -21.37
C VAL A 211 6.97 -30.89 -21.65
N VAL A 212 7.49 -31.57 -20.62
CA VAL A 212 8.25 -32.79 -20.87
C VAL A 212 7.34 -33.89 -21.40
N LEU A 213 6.09 -33.94 -20.94
CA LEU A 213 5.15 -34.92 -21.46
C LEU A 213 4.68 -34.58 -22.88
N ALA A 214 4.66 -33.30 -23.26
CA ALA A 214 4.31 -32.94 -24.62
C ALA A 214 5.49 -33.05 -25.59
N VAL A 215 6.72 -33.15 -25.08
CA VAL A 215 7.89 -33.29 -25.97
C VAL A 215 7.78 -34.47 -26.93
N PRO A 216 7.42 -35.69 -26.48
CA PRO A 216 7.35 -36.81 -27.43
C PRO A 216 6.42 -36.56 -28.60
N GLU A 217 5.29 -35.90 -28.35
CA GLU A 217 4.37 -35.57 -29.42
C GLU A 217 5.02 -34.65 -30.46
N ALA A 218 5.73 -33.62 -30.00
CA ALA A 218 6.39 -32.73 -30.95
C ALA A 218 7.44 -33.46 -31.75
N ILE A 219 8.29 -34.25 -31.09
CA ILE A 219 9.34 -34.97 -31.81
C ILE A 219 8.79 -36.19 -32.54
N GLY A 220 7.46 -36.38 -32.54
CA GLY A 220 6.84 -37.46 -33.27
C GLY A 220 6.45 -37.21 -34.71
N PHE A 221 5.83 -36.06 -35.01
CA PHE A 221 5.27 -35.87 -36.34
C PHE A 221 6.32 -35.77 -37.44
N ASP A 222 5.84 -35.80 -38.67
CA ASP A 222 6.67 -35.65 -39.87
C ASP A 222 5.76 -35.30 -41.05
N ILE A 223 6.40 -34.93 -42.15
CA ILE A 223 5.73 -34.57 -43.41
C ILE A 223 6.03 -35.67 -44.43
N ILE A 224 4.99 -36.25 -45.02
CA ILE A 224 5.18 -37.26 -46.05
C ILE A 224 4.20 -37.04 -47.20
N THR A 225 4.67 -37.31 -48.41
CA THR A 225 3.86 -37.20 -49.63
C THR A 225 3.81 -38.57 -50.29
N MET A 226 2.67 -39.26 -50.17
CA MET A 226 2.58 -40.58 -50.78
C MET A 226 1.82 -40.57 -52.10
N ASP A 227 0.54 -40.17 -52.10
CA ASP A 227 -0.28 -40.09 -53.29
C ASP A 227 -1.68 -39.64 -52.88
N TYR A 228 -2.47 -39.23 -53.89
CA TYR A 228 -3.91 -39.08 -53.74
C TYR A 228 -4.61 -39.63 -54.96
N LYS A 229 -4.20 -40.82 -55.41
CA LYS A 229 -4.71 -41.45 -56.63
C LYS A 229 -4.47 -40.57 -57.85
N GLY A 230 -3.28 -39.99 -57.95
CA GLY A 230 -2.90 -39.21 -59.11
C GLY A 230 -2.26 -37.88 -58.80
N SER A 231 -2.68 -37.23 -57.71
CA SER A 231 -2.18 -35.90 -57.34
C SER A 231 -1.46 -36.02 -56.00
N TYR A 232 -0.12 -36.03 -56.07
CA TYR A 232 0.68 -36.12 -54.86
C TYR A 232 0.46 -34.91 -53.96
N LEU A 233 0.36 -35.17 -52.65
CA LEU A 233 0.15 -34.11 -51.67
C LEU A 233 0.87 -34.48 -50.38
N ARG A 234 1.36 -33.45 -49.69
CA ARG A 234 2.07 -33.63 -48.43
C ARG A 234 1.12 -33.60 -47.25
N ILE A 235 1.43 -34.40 -46.24
CA ILE A 235 0.57 -34.53 -45.07
C ILE A 235 1.45 -34.52 -43.82
N CYS A 236 1.01 -33.76 -42.81
CA CYS A 236 1.60 -33.72 -41.48
C CYS A 236 0.92 -34.76 -40.60
N LEU A 237 1.69 -35.76 -40.13
CA LEU A 237 1.11 -36.79 -39.29
C LEU A 237 2.20 -37.61 -38.63
N LEU A 238 1.78 -38.59 -37.84
CA LEU A 238 2.71 -39.60 -37.35
C LEU A 238 3.33 -40.33 -38.54
N HIS A 239 4.64 -40.45 -38.55
CA HIS A 239 5.26 -41.29 -39.57
C HIS A 239 4.83 -42.73 -39.33
N PRO A 240 4.38 -43.44 -40.37
CA PRO A 240 3.90 -44.81 -40.16
C PRO A 240 4.93 -45.73 -39.53
N VAL A 241 6.20 -45.50 -39.82
CA VAL A 241 7.30 -46.24 -39.21
C VAL A 241 8.14 -45.26 -38.40
N GLN A 242 8.49 -45.66 -37.17
CA GLN A 242 9.31 -44.87 -36.28
C GLN A 242 10.64 -45.57 -36.05
N LYS A 243 11.71 -44.77 -35.97
CA LYS A 243 13.05 -45.34 -35.85
C LYS A 243 13.25 -46.03 -34.51
N THR A 244 12.83 -45.40 -33.42
CA THR A 244 13.05 -45.94 -32.09
C THR A 244 11.88 -46.82 -31.65
N ALA A 245 12.19 -47.80 -30.80
CA ALA A 245 11.15 -48.66 -30.25
C ALA A 245 10.22 -47.89 -29.34
N PHE A 246 10.75 -46.89 -28.62
CA PHE A 246 9.92 -46.08 -27.75
C PHE A 246 8.85 -45.34 -28.56
N MET A 247 9.23 -44.80 -29.71
CA MET A 247 8.24 -44.10 -30.53
C MET A 247 7.27 -45.06 -31.21
N GLN A 248 7.71 -46.28 -31.50
CA GLN A 248 6.77 -47.29 -32.00
C GLN A 248 5.72 -47.60 -30.93
N PHE A 249 6.16 -47.75 -29.67
CA PHE A 249 5.21 -47.97 -28.58
C PHE A 249 4.30 -46.76 -28.41
N TYR A 250 4.85 -45.54 -28.55
CA TYR A 250 4.04 -44.34 -28.45
C TYR A 250 2.96 -44.32 -29.52
N ALA A 251 3.34 -44.57 -30.78
CA ALA A 251 2.36 -44.56 -31.86
C ALA A 251 1.34 -45.69 -31.72
N THR A 252 1.75 -46.82 -31.12
CA THR A 252 0.83 -47.94 -30.99
C THR A 252 -0.34 -47.62 -30.08
N ALA A 253 -0.08 -47.04 -28.90
CA ALA A 253 -1.11 -46.79 -27.91
C ALA A 253 -1.18 -45.32 -27.49
N LYS A 254 -1.07 -44.40 -28.45
CA LYS A 254 -1.15 -42.99 -28.12
C LYS A 254 -2.55 -42.60 -27.65
N ASP A 255 -3.58 -43.22 -28.24
CA ASP A 255 -4.94 -42.82 -27.93
C ASP A 255 -5.29 -43.09 -26.47
N TRP A 256 -4.90 -44.24 -25.94
CA TRP A 256 -5.20 -44.54 -24.55
C TRP A 256 -4.33 -43.76 -23.59
N TRP A 257 -3.12 -43.38 -24.00
CA TRP A 257 -2.32 -42.46 -23.19
C TRP A 257 -3.00 -41.10 -23.08
N LEU A 258 -3.55 -40.60 -24.19
CA LEU A 258 -4.29 -39.35 -24.16
C LEU A 258 -5.62 -39.47 -23.44
N PHE A 259 -6.22 -40.65 -23.44
CA PHE A 259 -7.50 -40.85 -22.75
C PHE A 259 -7.30 -40.97 -21.24
N SER A 260 -6.20 -41.58 -20.80
CA SER A 260 -6.00 -41.85 -19.39
C SER A 260 -5.46 -40.63 -18.65
N PHE A 261 -4.27 -40.15 -19.05
CA PHE A 261 -3.62 -39.09 -18.31
C PHE A 261 -4.37 -37.77 -18.44
N TYR A 262 -4.95 -37.51 -19.60
CA TYR A 262 -5.57 -36.21 -19.86
C TYR A 262 -7.07 -36.18 -19.56
N PHE A 263 -7.73 -37.33 -19.47
CA PHE A 263 -9.16 -37.32 -19.20
C PHE A 263 -9.57 -38.22 -18.05
N CYS A 264 -8.94 -39.38 -17.88
CA CYS A 264 -9.30 -40.27 -16.79
C CYS A 264 -8.68 -39.82 -15.47
N LEU A 265 -7.40 -39.46 -15.50
CA LEU A 265 -6.71 -39.00 -14.28
C LEU A 265 -7.34 -37.74 -13.69
N PRO A 266 -7.66 -36.68 -14.46
CA PRO A 266 -8.26 -35.50 -13.82
C PRO A 266 -9.58 -35.80 -13.14
N LEU A 267 -10.51 -36.44 -13.85
CA LEU A 267 -11.81 -36.75 -13.27
C LEU A 267 -11.68 -37.68 -12.07
N ALA A 268 -10.82 -38.69 -12.18
CA ALA A 268 -10.63 -39.63 -11.07
C ALA A 268 -10.10 -38.91 -9.83
N ILE A 269 -9.07 -38.08 -10.00
CA ILE A 269 -8.47 -37.40 -8.86
C ILE A 269 -9.46 -36.42 -8.23
N THR A 270 -10.14 -35.62 -9.06
CA THR A 270 -11.06 -34.64 -8.50
C THR A 270 -12.23 -35.31 -7.81
N ALA A 271 -12.75 -36.40 -8.38
CA ALA A 271 -13.84 -37.13 -7.74
C ALA A 271 -13.38 -37.75 -6.42
N PHE A 272 -12.17 -38.32 -6.41
CA PHE A 272 -11.66 -38.92 -5.18
C PHE A 272 -11.51 -37.89 -4.07
N PHE A 273 -10.92 -36.73 -4.40
CA PHE A 273 -10.69 -35.73 -3.36
C PHE A 273 -11.99 -35.05 -2.93
N TYR A 274 -12.94 -34.84 -3.84
CA TYR A 274 -14.23 -34.32 -3.44
C TYR A 274 -15.02 -35.31 -2.60
N THR A 275 -14.94 -36.60 -2.92
CA THR A 275 -15.59 -37.62 -2.09
C THR A 275 -14.97 -37.65 -0.70
N LEU A 276 -13.64 -37.56 -0.62
CA LEU A 276 -12.99 -37.46 0.67
C LEU A 276 -13.41 -36.22 1.44
N MET A 277 -13.57 -35.08 0.77
CA MET A 277 -14.03 -33.87 1.46
C MET A 277 -15.46 -34.04 1.98
N THR A 278 -16.31 -34.68 1.18
CA THR A 278 -17.68 -34.93 1.63
C THR A 278 -17.68 -35.83 2.86
N CYS A 279 -16.91 -36.91 2.83
CA CYS A 279 -16.79 -37.76 4.01
C CYS A 279 -16.17 -37.01 5.19
N GLU A 280 -15.27 -36.08 4.92
CA GLU A 280 -14.63 -35.30 5.97
C GLU A 280 -15.65 -34.43 6.69
N MET A 281 -16.44 -33.67 5.94
CA MET A 281 -17.50 -32.89 6.55
C MET A 281 -18.58 -33.80 7.12
N LEU A 282 -18.61 -35.06 6.68
CA LEU A 282 -19.56 -36.02 7.23
C LEU A 282 -19.20 -36.43 8.65
N ARG A 283 -18.03 -37.04 8.84
CA ARG A 283 -17.75 -37.59 10.17
C ARG A 283 -17.14 -36.53 11.08
N LYS A 284 -16.54 -35.48 10.51
CA LYS A 284 -16.03 -34.39 11.35
C LYS A 284 -17.17 -33.60 11.97
N LYS A 285 -18.38 -33.73 11.42
CA LYS A 285 -19.56 -33.12 12.01
C LYS A 285 -19.81 -33.70 13.39
N ASP A 286 -20.08 -32.85 14.38
CA ASP A 286 -20.27 -33.28 15.75
C ASP A 286 -21.39 -32.46 16.38
N ALA A 287 -21.57 -32.65 17.68
CA ALA A 287 -22.60 -31.94 18.43
C ALA A 287 -22.05 -31.09 19.57
N ASP A 288 -20.82 -31.35 20.01
CA ASP A 288 -20.24 -30.70 21.19
C ASP A 288 -20.29 -29.18 21.09
N GLU A 289 -19.63 -28.62 20.07
CA GLU A 289 -19.64 -27.17 19.89
C GLU A 289 -21.04 -26.63 19.64
N ILE A 290 -21.82 -27.34 18.83
CA ILE A 290 -23.19 -26.91 18.56
C ILE A 290 -24.03 -26.94 19.83
N LYS A 291 -23.88 -28.00 20.64
CA LYS A 291 -24.64 -28.08 21.87
C LYS A 291 -24.25 -26.97 22.84
N ARG A 292 -22.95 -26.70 22.97
CA ARG A 292 -22.52 -25.65 23.88
C ARG A 292 -23.00 -24.27 23.41
N LEU A 293 -22.92 -24.02 22.11
CA LEU A 293 -23.41 -22.75 21.59
C LEU A 293 -24.93 -22.64 21.75
N GLY A 294 -25.65 -23.75 21.63
CA GLY A 294 -27.08 -23.71 21.89
C GLY A 294 -27.39 -23.44 23.35
N LYS A 295 -26.60 -24.00 24.26
CA LYS A 295 -26.78 -23.69 25.68
C LYS A 295 -26.55 -22.21 25.95
N ARG A 296 -25.48 -21.64 25.37
CA ARG A 296 -25.24 -20.21 25.53
C ARG A 296 -26.37 -19.39 24.92
N PHE A 297 -26.86 -19.80 23.76
CA PHE A 297 -27.97 -19.10 23.11
C PHE A 297 -29.20 -19.10 24.00
N LYS A 298 -29.53 -20.25 24.59
CA LYS A 298 -30.70 -20.33 25.45
C LYS A 298 -30.52 -19.47 26.70
N LYS A 299 -29.31 -19.50 27.29
CA LYS A 299 -29.07 -18.70 28.48
C LYS A 299 -29.18 -17.21 28.18
N LEU A 300 -28.64 -16.75 27.04
CA LEU A 300 -28.74 -15.34 26.68
C LEU A 300 -30.17 -14.95 26.33
N ASP A 301 -30.95 -15.87 25.77
CA ASP A 301 -32.31 -15.56 25.34
C ASP A 301 -33.21 -15.40 26.56
N LEU A 302 -33.30 -14.18 27.10
CA LEU A 302 -34.03 -13.95 28.33
C LEU A 302 -35.53 -14.22 28.14
N ASP A 303 -36.08 -13.77 27.02
CA ASP A 303 -37.51 -13.95 26.76
C ASP A 303 -37.85 -15.31 26.15
N ASN A 304 -36.85 -16.13 25.87
CA ASN A 304 -37.05 -17.46 25.29
C ASN A 304 -37.85 -17.38 23.99
N SER A 305 -37.56 -16.35 23.21
CA SER A 305 -38.22 -16.13 21.93
C SER A 305 -37.47 -16.75 20.75
N GLY A 306 -36.31 -17.37 21.00
CA GLY A 306 -35.53 -17.94 19.92
C GLY A 306 -34.75 -16.95 19.11
N SER A 307 -34.75 -15.67 19.49
CA SER A 307 -34.01 -14.63 18.79
C SER A 307 -33.43 -13.66 19.80
N LEU A 308 -32.33 -13.03 19.42
CA LEU A 308 -31.58 -12.12 20.29
C LEU A 308 -31.77 -10.69 19.80
N SER A 309 -32.38 -9.86 20.65
CA SER A 309 -32.56 -8.44 20.36
C SER A 309 -31.40 -7.64 20.93
N VAL A 310 -31.53 -6.31 20.84
CA VAL A 310 -30.50 -5.43 21.38
C VAL A 310 -30.42 -5.54 22.90
N GLU A 311 -31.59 -5.58 23.55
CA GLU A 311 -31.62 -5.60 25.01
C GLU A 311 -30.96 -6.85 25.59
N GLU A 312 -31.23 -8.01 24.99
CA GLU A 312 -30.63 -9.25 25.50
C GLU A 312 -29.12 -9.26 25.33
N PHE A 313 -28.60 -8.59 24.29
CA PHE A 313 -27.16 -8.47 24.15
C PHE A 313 -26.59 -7.46 25.14
N MET A 314 -27.37 -6.42 25.46
CA MET A 314 -26.93 -5.44 26.45
C MET A 314 -27.09 -5.92 27.87
N SER A 315 -27.74 -7.07 28.08
CA SER A 315 -27.96 -7.61 29.42
C SER A 315 -26.66 -7.93 30.15
N LEU A 316 -25.57 -8.22 29.43
CA LEU A 316 -24.28 -8.42 30.06
C LEU A 316 -23.68 -7.07 30.42
N PRO A 317 -23.34 -6.82 31.68
CA PRO A 317 -22.74 -5.52 32.04
C PRO A 317 -21.43 -5.24 31.32
N GLU A 318 -20.66 -6.26 30.99
CA GLU A 318 -19.35 -6.07 30.38
C GLU A 318 -19.43 -5.41 29.01
N LEU A 319 -20.56 -5.51 28.32
CA LEU A 319 -20.72 -4.93 26.99
C LEU A 319 -21.21 -3.49 27.02
N GLN A 320 -21.58 -2.97 28.19
CA GLN A 320 -22.05 -1.60 28.27
C GLN A 320 -20.93 -0.57 28.08
N GLN A 321 -19.67 -0.99 28.13
CA GLN A 321 -18.54 -0.11 27.91
C GLN A 321 -17.90 -0.30 26.55
N ASN A 322 -18.53 -1.05 25.65
CA ASN A 322 -18.00 -1.28 24.31
C ASN A 322 -18.79 -0.45 23.32
N PRO A 323 -18.19 0.55 22.66
CA PRO A 323 -18.94 1.34 21.68
C PRO A 323 -18.96 0.77 20.27
N LEU A 324 -18.63 -0.51 20.09
CA LEU A 324 -18.81 -1.21 18.83
C LEU A 324 -19.88 -2.29 18.92
N VAL A 325 -20.78 -2.20 19.91
CA VAL A 325 -21.75 -3.26 20.14
C VAL A 325 -22.74 -3.33 18.97
N GLN A 326 -23.41 -2.22 18.67
CA GLN A 326 -24.50 -2.24 17.71
C GLN A 326 -24.06 -2.68 16.32
N ARG A 327 -22.87 -2.26 15.88
CA ARG A 327 -22.39 -2.68 14.57
C ARG A 327 -22.19 -4.19 14.49
N VAL A 328 -21.61 -4.78 15.54
CA VAL A 328 -21.43 -6.23 15.54
C VAL A 328 -22.77 -6.95 15.63
N ILE A 329 -23.73 -6.38 16.36
CA ILE A 329 -25.05 -7.00 16.44
C ILE A 329 -25.71 -6.97 15.07
N ASP A 330 -25.53 -5.87 14.33
CA ASP A 330 -26.07 -5.77 12.98
C ASP A 330 -25.39 -6.74 12.03
N ILE A 331 -24.07 -6.90 12.14
CA ILE A 331 -23.38 -7.81 11.23
C ILE A 331 -23.75 -9.25 11.50
N PHE A 332 -24.02 -9.62 12.77
CA PHE A 332 -24.50 -10.97 13.04
C PHE A 332 -25.87 -11.22 12.39
N ASP A 333 -26.67 -10.17 12.23
CA ASP A 333 -28.00 -10.29 11.63
C ASP A 333 -27.85 -10.19 10.11
N THR A 334 -27.81 -11.36 9.47
CA THR A 334 -27.58 -11.40 8.02
C THR A 334 -28.84 -11.05 7.22
N ASP A 335 -30.02 -11.42 7.69
CA ASP A 335 -31.25 -11.21 6.92
C ASP A 335 -31.88 -9.84 7.15
N GLY A 336 -31.38 -9.06 8.11
CA GLY A 336 -31.88 -7.72 8.31
C GLY A 336 -33.25 -7.61 8.93
N ASN A 337 -33.66 -8.61 9.72
CA ASN A 337 -34.94 -8.55 10.42
C ASN A 337 -34.83 -7.91 11.79
N GLY A 338 -33.60 -7.61 12.24
CA GLY A 338 -33.39 -6.93 13.51
C GLY A 338 -32.94 -7.80 14.66
N GLU A 339 -33.11 -9.12 14.57
CA GLU A 339 -32.72 -10.03 15.65
C GLU A 339 -31.99 -11.23 15.07
N VAL A 340 -31.14 -11.83 15.89
CA VAL A 340 -30.27 -12.93 15.48
C VAL A 340 -30.88 -14.23 15.98
N ASP A 341 -31.10 -15.17 15.08
CA ASP A 341 -31.57 -16.50 15.42
C ASP A 341 -30.38 -17.44 15.57
N PHE A 342 -30.65 -18.72 15.84
CA PHE A 342 -29.57 -19.67 16.10
C PHE A 342 -28.67 -19.88 14.89
N LYS A 343 -29.26 -19.95 13.69
CA LYS A 343 -28.44 -20.11 12.49
C LYS A 343 -27.55 -18.90 12.27
N GLU A 344 -28.12 -17.69 12.38
CA GLU A 344 -27.31 -16.49 12.26
C GLU A 344 -26.31 -16.36 13.41
N PHE A 345 -26.69 -16.81 14.60
CA PHE A 345 -25.75 -16.83 15.72
C PHE A 345 -24.53 -17.67 15.40
N ILE A 346 -24.76 -18.88 14.89
CA ILE A 346 -23.66 -19.77 14.52
C ILE A 346 -22.83 -19.15 13.40
N GLU A 347 -23.49 -18.57 12.40
CA GLU A 347 -22.76 -17.99 11.28
C GLU A 347 -21.89 -16.81 11.72
N GLY A 348 -22.41 -15.95 12.59
CA GLY A 348 -21.65 -14.83 13.11
C GLY A 348 -20.50 -15.26 13.99
N VAL A 349 -20.72 -16.28 14.82
CA VAL A 349 -19.64 -16.81 15.64
C VAL A 349 -18.55 -17.45 14.78
N SER A 350 -18.94 -18.13 13.71
CA SER A 350 -17.98 -18.83 12.86
C SER A 350 -16.99 -17.90 12.18
N GLN A 351 -17.28 -16.59 12.13
CA GLN A 351 -16.34 -15.65 11.53
C GLN A 351 -15.06 -15.51 12.34
N PHE A 352 -15.04 -16.02 13.58
CA PHE A 352 -13.92 -15.85 14.48
C PHE A 352 -13.34 -17.17 14.96
N SER A 353 -13.42 -18.21 14.14
CA SER A 353 -12.86 -19.50 14.52
C SER A 353 -11.34 -19.50 14.36
N VAL A 354 -10.68 -20.42 15.07
CA VAL A 354 -9.24 -20.56 14.95
C VAL A 354 -8.85 -21.11 13.58
N LYS A 355 -9.74 -21.84 12.92
CA LYS A 355 -9.46 -22.40 11.61
C LYS A 355 -9.91 -21.51 10.46
N GLY A 356 -10.52 -20.37 10.76
CA GLY A 356 -10.98 -19.49 9.69
C GLY A 356 -9.82 -18.82 8.97
N ASP A 357 -10.08 -18.41 7.75
CA ASP A 357 -9.07 -17.76 6.93
C ASP A 357 -8.99 -16.27 7.25
N LYS A 358 -7.87 -15.66 6.85
CA LYS A 358 -7.69 -14.23 7.04
C LYS A 358 -8.74 -13.43 6.27
N GLU A 359 -9.20 -13.97 5.13
CA GLU A 359 -10.19 -13.28 4.33
C GLU A 359 -11.50 -13.09 5.09
N GLN A 360 -11.92 -14.07 5.87
CA GLN A 360 -13.14 -13.95 6.64
C GLN A 360 -13.04 -12.83 7.68
N LYS A 361 -11.91 -12.77 8.39
CA LYS A 361 -11.71 -11.72 9.38
C LYS A 361 -11.70 -10.34 8.71
N LEU A 362 -11.00 -10.23 7.58
CA LEU A 362 -10.94 -8.95 6.89
C LEU A 362 -12.30 -8.54 6.33
N ARG A 363 -13.11 -9.52 5.90
CA ARG A 363 -14.46 -9.20 5.44
C ARG A 363 -15.34 -8.74 6.59
N PHE A 364 -15.19 -9.36 7.77
CA PHE A 364 -15.89 -8.86 8.95
C PHE A 364 -15.48 -7.42 9.25
N ALA A 365 -14.18 -7.14 9.17
CA ALA A 365 -13.71 -5.77 9.42
C ALA A 365 -14.28 -4.80 8.41
N PHE A 366 -14.33 -5.18 7.13
CA PHE A 366 -14.91 -4.32 6.11
C PHE A 366 -16.39 -4.07 6.39
N ARG A 367 -17.16 -5.13 6.68
CA ARG A 367 -18.58 -4.95 6.94
C ARG A 367 -18.84 -4.15 8.20
N ILE A 368 -17.88 -4.09 9.12
CA ILE A 368 -18.05 -3.22 10.29
C ILE A 368 -18.26 -1.78 9.87
N TYR A 369 -17.41 -1.28 8.96
CA TYR A 369 -17.59 0.07 8.43
C TYR A 369 -18.71 0.16 7.40
N ASP A 370 -18.99 -0.93 6.69
CA ASP A 370 -20.02 -0.94 5.65
C ASP A 370 -21.38 -0.94 6.35
N MET A 371 -21.87 0.26 6.65
CA MET A 371 -23.08 0.39 7.45
C MET A 371 -24.31 -0.11 6.72
N ASP A 372 -24.49 0.29 5.46
CA ASP A 372 -25.67 -0.06 4.69
C ASP A 372 -25.49 -1.33 3.87
N LYS A 373 -24.32 -1.98 3.97
CA LYS A 373 -24.07 -3.27 3.32
C LYS A 373 -24.24 -3.21 1.80
N ASP A 374 -23.78 -2.12 1.18
CA ASP A 374 -23.79 -2.03 -0.27
C ASP A 374 -22.56 -2.66 -0.91
N GLY A 375 -21.60 -3.12 -0.11
CA GLY A 375 -20.38 -3.72 -0.61
C GLY A 375 -19.24 -2.74 -0.82
N TYR A 376 -19.38 -1.50 -0.37
CA TYR A 376 -18.36 -0.48 -0.61
C TYR A 376 -18.26 0.42 0.61
N ILE A 377 -17.05 0.85 0.93
CA ILE A 377 -16.86 1.85 1.98
C ILE A 377 -16.83 3.23 1.35
N SER A 378 -17.71 4.11 1.84
CA SER A 378 -17.78 5.48 1.37
C SER A 378 -17.24 6.44 2.43
N ASN A 379 -17.28 7.73 2.12
CA ASN A 379 -16.78 8.74 3.04
C ASN A 379 -17.65 8.82 4.30
N GLY A 380 -18.96 8.93 4.11
CA GLY A 380 -19.85 9.17 5.24
C GLY A 380 -19.87 8.03 6.23
N GLU A 381 -19.95 6.78 5.75
CA GLU A 381 -20.03 5.64 6.65
C GLU A 381 -18.77 5.52 7.49
N LEU A 382 -17.61 5.67 6.87
CA LEU A 382 -16.35 5.63 7.61
C LEU A 382 -16.28 6.75 8.64
N PHE A 383 -16.73 7.95 8.25
CA PHE A 383 -16.72 9.07 9.18
C PHE A 383 -17.58 8.79 10.41
N GLN A 384 -18.79 8.27 10.20
CA GLN A 384 -19.65 7.97 11.34
C GLN A 384 -19.08 6.85 12.20
N VAL A 385 -18.51 5.82 11.58
CA VAL A 385 -17.95 4.72 12.36
C VAL A 385 -16.82 5.22 13.26
N LEU A 386 -15.91 6.02 12.71
CA LEU A 386 -14.80 6.50 13.52
C LEU A 386 -15.25 7.59 14.49
N LYS A 387 -16.33 8.30 14.18
CA LYS A 387 -16.90 9.22 15.15
C LYS A 387 -17.43 8.48 16.36
N MET A 388 -18.12 7.36 16.13
CA MET A 388 -18.60 6.54 17.23
C MET A 388 -17.43 5.96 18.03
N MET A 389 -16.41 5.47 17.33
CA MET A 389 -15.26 4.88 18.04
C MET A 389 -14.49 5.91 18.86
N VAL A 390 -14.04 6.99 18.23
CA VAL A 390 -13.16 7.94 18.89
C VAL A 390 -13.88 8.75 19.97
N GLY A 391 -15.10 9.19 19.71
CA GLY A 391 -15.79 10.03 20.67
C GLY A 391 -15.59 11.49 20.33
N ASN A 392 -15.34 12.31 21.35
CA ASN A 392 -15.16 13.74 21.18
C ASN A 392 -13.69 14.14 21.18
N ASN A 393 -12.77 13.18 21.03
CA ASN A 393 -11.34 13.49 21.07
C ASN A 393 -10.89 14.37 19.91
N LEU A 394 -11.56 14.26 18.75
CA LEU A 394 -11.11 14.96 17.56
C LEU A 394 -12.22 15.89 17.07
N LYS A 395 -11.83 16.94 16.38
CA LYS A 395 -12.78 17.86 15.77
C LYS A 395 -13.47 17.21 14.58
N ASP A 396 -14.59 17.81 14.17
CA ASP A 396 -15.30 17.34 12.99
C ASP A 396 -14.53 17.66 11.71
N THR A 397 -13.96 18.86 11.62
CA THR A 397 -13.33 19.30 10.38
C THR A 397 -12.08 18.48 10.06
N GLN A 398 -11.20 18.30 11.05
CA GLN A 398 -9.98 17.55 10.82
C GLN A 398 -10.27 16.07 10.55
N LEU A 399 -11.25 15.50 11.25
CA LEU A 399 -11.64 14.13 10.98
C LEU A 399 -12.19 13.98 9.56
N GLN A 400 -13.02 14.93 9.12
CA GLN A 400 -13.54 14.88 7.76
C GLN A 400 -12.41 15.00 6.74
N GLN A 401 -11.45 15.90 6.99
CA GLN A 401 -10.32 16.06 6.10
C GLN A 401 -9.50 14.78 5.98
N ILE A 402 -9.22 14.12 7.10
CA ILE A 402 -8.42 12.91 7.02
C ILE A 402 -9.22 11.73 6.45
N VAL A 403 -10.53 11.71 6.63
CA VAL A 403 -11.33 10.70 5.94
C VAL A 403 -11.29 10.91 4.43
N ASP A 404 -11.41 12.16 3.99
CA ASP A 404 -11.29 12.47 2.57
C ASP A 404 -9.93 12.06 2.03
N LYS A 405 -8.87 12.34 2.80
CA LYS A 405 -7.53 11.89 2.46
C LYS A 405 -7.40 10.38 2.32
N THR A 406 -7.97 9.62 3.26
CA THR A 406 -7.92 8.16 3.17
C THR A 406 -8.67 7.68 1.93
N ILE A 407 -9.83 8.26 1.65
CA ILE A 407 -10.58 7.88 0.46
C ILE A 407 -9.77 8.16 -0.80
N ILE A 408 -9.14 9.34 -0.86
CA ILE A 408 -8.37 9.72 -2.05
C ILE A 408 -7.20 8.79 -2.26
N ASN A 409 -6.44 8.50 -1.20
CA ASN A 409 -5.28 7.64 -1.35
C ASN A 409 -5.67 6.20 -1.65
N ALA A 410 -6.75 5.71 -1.06
CA ALA A 410 -7.13 4.30 -1.18
C ALA A 410 -8.04 4.01 -2.37
N ASP A 411 -8.43 5.04 -3.13
CA ASP A 411 -9.28 4.83 -4.31
C ASP A 411 -8.39 4.58 -5.50
N LYS A 412 -8.23 3.32 -5.88
CA LYS A 412 -7.39 2.94 -7.02
C LYS A 412 -8.14 2.97 -8.34
N ASP A 413 -9.42 3.32 -8.35
CA ASP A 413 -10.18 3.39 -9.59
C ASP A 413 -11.03 4.65 -9.74
N GLY A 414 -10.95 5.58 -8.80
CA GLY A 414 -11.57 6.88 -8.98
C GLY A 414 -13.07 6.93 -8.89
N ASP A 415 -13.71 5.96 -8.22
CA ASP A 415 -15.15 5.95 -8.06
C ASP A 415 -15.63 6.66 -6.79
N GLY A 416 -14.71 7.20 -5.99
CA GLY A 416 -15.07 7.90 -4.78
C GLY A 416 -15.44 7.02 -3.61
N ARG A 417 -15.21 5.72 -3.69
CA ARG A 417 -15.55 4.79 -2.62
C ARG A 417 -14.57 3.63 -2.60
N ILE A 418 -14.46 3.00 -1.44
CA ILE A 418 -13.44 1.97 -1.21
C ILE A 418 -14.13 0.60 -1.21
N SER A 419 -13.70 -0.26 -2.12
CA SER A 419 -14.19 -1.62 -2.18
C SER A 419 -13.45 -2.48 -1.15
N PHE A 420 -13.87 -3.75 -1.05
CA PHE A 420 -13.13 -4.70 -0.23
C PHE A 420 -11.74 -4.93 -0.77
N GLU A 421 -11.60 -4.94 -2.10
CA GLU A 421 -10.32 -5.21 -2.72
C GLU A 421 -9.29 -4.17 -2.30
N GLU A 422 -9.65 -2.90 -2.43
CA GLU A 422 -8.78 -1.80 -2.00
C GLU A 422 -8.58 -1.80 -0.49
N PHE A 423 -9.63 -2.13 0.27
CA PHE A 423 -9.49 -2.18 1.72
C PHE A 423 -8.41 -3.15 2.14
N CYS A 424 -8.43 -4.37 1.59
CA CYS A 424 -7.43 -5.35 1.99
C CYS A 424 -6.09 -5.09 1.32
N ALA A 425 -6.07 -4.33 0.23
CA ALA A 425 -4.80 -3.85 -0.29
C ALA A 425 -4.17 -2.84 0.67
N VAL A 426 -5.00 -2.10 1.40
CA VAL A 426 -4.49 -1.09 2.32
C VAL A 426 -4.07 -1.71 3.65
N VAL A 427 -4.97 -2.45 4.29
CA VAL A 427 -4.74 -2.90 5.66
C VAL A 427 -4.27 -4.35 5.70
N GLY A 428 -3.72 -4.84 4.58
CA GLY A 428 -3.30 -6.23 4.53
C GLY A 428 -2.18 -6.58 5.49
N GLY A 429 -1.28 -5.64 5.78
CA GLY A 429 -0.11 -5.93 6.58
C GLY A 429 -0.24 -5.69 8.06
N LEU A 430 -1.39 -5.20 8.54
CA LEU A 430 -1.54 -4.89 9.95
C LEU A 430 -1.61 -6.13 10.84
N ASP A 431 -1.90 -7.30 10.27
CA ASP A 431 -1.96 -8.56 11.01
C ASP A 431 -3.00 -8.50 12.14
N ILE A 432 -4.08 -7.73 11.93
CA ILE A 432 -5.13 -7.65 12.94
C ILE A 432 -6.04 -8.86 12.89
N HIS A 433 -6.03 -9.60 11.77
CA HIS A 433 -6.84 -10.82 11.67
C HIS A 433 -6.46 -11.83 12.74
N LYS A 434 -5.18 -11.88 13.11
CA LYS A 434 -4.74 -12.81 14.16
C LYS A 434 -5.25 -12.43 15.54
N LYS A 435 -5.73 -11.20 15.73
CA LYS A 435 -6.25 -10.78 17.02
C LYS A 435 -7.69 -11.21 17.25
N MET A 436 -8.47 -11.37 16.18
CA MET A 436 -9.87 -11.81 16.31
C MET A 436 -9.92 -13.33 16.35
N VAL A 437 -9.56 -13.87 17.51
CA VAL A 437 -9.52 -15.30 17.74
C VAL A 437 -10.47 -15.68 18.86
N VAL A 438 -11.31 -16.68 18.60
CA VAL A 438 -12.25 -17.21 19.58
C VAL A 438 -12.18 -18.73 19.46
N ASP A 439 -12.68 -19.46 20.46
CA ASP A 439 -12.60 -20.93 20.45
C ASP A 439 -13.93 -21.46 19.91
N VAL A 440 -13.94 -21.74 18.60
CA VAL A 440 -15.12 -22.27 17.93
C VAL A 440 -14.72 -22.86 16.58
N ASP A 441 -15.55 -23.75 16.03
CA ASP A 441 -15.27 -24.36 14.74
C ASP A 441 -16.58 -24.59 14.00
N HIS A 442 -16.89 -23.72 13.03
CA HIS A 442 -18.06 -23.88 12.18
C HIS A 442 -17.72 -23.31 10.81
N LEU A 443 -18.49 -23.74 9.80
CA LEU A 443 -18.21 -23.41 8.42
C LEU A 443 -19.38 -22.65 7.79
N LYS A 444 -19.03 -21.58 7.07
CA LYS A 444 -19.98 -20.86 6.24
C LYS A 444 -19.38 -20.70 4.85
N GLN A 445 -18.09 -20.99 4.74
CA GLN A 445 -17.34 -20.95 3.49
C GLN A 445 -17.62 -22.26 2.75
N ARG A 446 -16.82 -22.59 1.74
CA ARG A 446 -16.85 -23.86 1.01
C ARG A 446 -18.00 -23.83 0.02
N ARG A 447 -18.75 -22.72 -0.01
CA ARG A 447 -19.75 -22.54 -1.05
C ARG A 447 -19.07 -22.04 -2.33
N GLU A 448 -18.42 -20.88 -2.23
CA GLU A 448 -17.99 -20.15 -3.42
C GLU A 448 -16.91 -20.90 -4.20
N VAL A 449 -15.81 -21.26 -3.53
CA VAL A 449 -14.67 -21.78 -4.27
C VAL A 449 -14.93 -23.22 -4.70
N ALA A 450 -15.67 -23.97 -3.88
CA ALA A 450 -16.11 -25.29 -4.33
C ALA A 450 -16.97 -25.17 -5.58
N LYS A 451 -17.88 -24.19 -5.61
CA LYS A 451 -18.62 -23.91 -6.84
C LYS A 451 -17.68 -23.67 -8.00
N THR A 452 -16.65 -22.84 -7.80
CA THR A 452 -15.74 -22.49 -8.88
C THR A 452 -14.97 -23.70 -9.39
N VAL A 453 -14.42 -24.50 -8.47
CA VAL A 453 -13.58 -25.63 -8.88
C VAL A 453 -14.43 -26.70 -9.55
N PHE A 454 -15.63 -26.96 -9.03
CA PHE A 454 -16.50 -27.94 -9.68
C PHE A 454 -16.95 -27.43 -11.04
N CYS A 455 -17.18 -26.13 -11.17
CA CYS A 455 -17.52 -25.56 -12.46
C CYS A 455 -16.39 -25.74 -13.47
N LEU A 456 -15.15 -25.46 -13.06
CA LEU A 456 -14.02 -25.63 -13.96
C LEU A 456 -13.83 -27.07 -14.38
N VAL A 457 -13.90 -28.00 -13.43
CA VAL A 457 -13.72 -29.41 -13.77
C VAL A 457 -14.86 -29.91 -14.65
N LEU A 458 -16.09 -29.46 -14.37
CA LEU A 458 -17.23 -29.86 -15.20
C LEU A 458 -17.11 -29.30 -16.60
N VAL A 459 -16.64 -28.06 -16.74
CA VAL A 459 -16.44 -27.49 -18.08
C VAL A 459 -15.39 -28.29 -18.84
N PHE A 460 -14.27 -28.61 -18.19
CA PHE A 460 -13.26 -29.43 -18.86
C PHE A 460 -13.82 -30.78 -19.27
N ALA A 461 -14.58 -31.43 -18.38
CA ALA A 461 -15.13 -32.75 -18.69
C ALA A 461 -16.13 -32.68 -19.83
N LEU A 462 -16.96 -31.63 -19.86
CA LEU A 462 -17.98 -31.53 -20.90
C LEU A 462 -17.39 -31.14 -22.24
N CYS A 463 -16.27 -30.43 -22.25
CA CYS A 463 -15.70 -29.98 -23.52
C CYS A 463 -15.00 -31.09 -24.28
N TRP A 464 -14.21 -31.92 -23.61
CA TRP A 464 -13.61 -33.11 -24.22
C TRP A 464 -14.48 -34.35 -24.10
N LEU A 465 -15.76 -34.20 -23.82
CA LEU A 465 -16.64 -35.38 -23.78
C LEU A 465 -17.10 -35.77 -25.19
N PRO A 466 -17.62 -34.84 -26.01
CA PRO A 466 -18.06 -35.25 -27.36
C PRO A 466 -16.96 -35.86 -28.20
N LEU A 467 -15.73 -35.33 -28.10
CA LEU A 467 -14.64 -35.88 -28.91
C LEU A 467 -14.31 -37.31 -28.49
N HIS A 468 -14.26 -37.57 -27.18
CA HIS A 468 -14.00 -38.91 -26.71
C HIS A 468 -15.13 -39.86 -27.05
N LEU A 469 -16.37 -39.39 -27.00
CA LEU A 469 -17.50 -40.22 -27.43
C LEU A 469 -17.39 -40.57 -28.90
N ALA A 470 -17.04 -39.60 -29.74
CA ALA A 470 -16.85 -39.88 -31.17
C ALA A 470 -15.73 -40.89 -31.37
N ARG A 471 -14.62 -40.73 -30.66
CA ARG A 471 -13.50 -41.65 -30.80
C ARG A 471 -13.89 -43.07 -30.39
N ILE A 472 -14.58 -43.22 -29.27
CA ILE A 472 -14.96 -44.56 -28.85
C ILE A 472 -16.01 -45.17 -29.78
N LEU A 473 -16.93 -44.35 -30.32
CA LEU A 473 -17.88 -44.87 -31.29
C LEU A 473 -17.19 -45.36 -32.55
N LYS A 474 -16.19 -44.61 -33.03
CA LYS A 474 -15.43 -45.09 -34.17
C LYS A 474 -14.65 -46.35 -33.84
N LEU A 475 -14.09 -46.42 -32.63
CA LEU A 475 -13.32 -47.60 -32.24
C LEU A 475 -14.20 -48.85 -32.16
N THR A 476 -15.45 -48.69 -31.73
CA THR A 476 -16.32 -49.84 -31.52
C THR A 476 -17.12 -50.22 -32.77
N LEU A 477 -17.88 -49.28 -33.32
CA LEU A 477 -18.86 -49.62 -34.35
C LEU A 477 -18.39 -49.41 -35.77
N TYR A 478 -17.36 -48.58 -36.00
CA TYR A 478 -16.94 -48.29 -37.37
C TYR A 478 -16.29 -49.51 -37.99
N ASN A 479 -16.71 -49.84 -39.22
CA ASN A 479 -16.14 -50.95 -39.97
C ASN A 479 -16.23 -50.60 -41.45
N GLN A 480 -15.08 -50.42 -42.10
CA GLN A 480 -15.07 -50.04 -43.50
C GLN A 480 -15.53 -51.17 -44.42
N ASN A 481 -15.52 -52.42 -43.94
CA ASN A 481 -15.96 -53.54 -44.77
C ASN A 481 -17.48 -53.59 -44.91
N ASP A 482 -18.21 -52.94 -44.03
CA ASP A 482 -19.67 -52.99 -44.09
C ASP A 482 -20.19 -52.17 -45.26
N PRO A 483 -21.01 -52.74 -46.14
CA PRO A 483 -21.55 -51.95 -47.26
C PRO A 483 -22.41 -50.78 -46.80
N ASN A 484 -23.13 -50.92 -45.70
CA ASN A 484 -23.96 -49.83 -45.16
C ASN A 484 -23.12 -48.90 -44.29
N ARG A 485 -22.29 -48.09 -44.95
CA ARG A 485 -21.25 -47.35 -44.26
C ARG A 485 -21.40 -45.83 -44.40
N CYS A 486 -22.13 -45.36 -45.42
CA CYS A 486 -22.19 -43.93 -45.70
C CYS A 486 -22.80 -43.15 -44.54
N GLU A 487 -23.91 -43.65 -43.99
CA GLU A 487 -24.52 -42.97 -42.86
C GLU A 487 -23.63 -42.98 -41.63
N LEU A 488 -22.81 -44.03 -41.48
CA LEU A 488 -21.85 -44.05 -40.39
C LEU A 488 -20.83 -42.93 -40.53
N LEU A 489 -20.35 -42.69 -41.75
CA LEU A 489 -19.50 -41.52 -42.00
C LEU A 489 -20.25 -40.23 -41.68
N SER A 490 -21.49 -40.12 -42.15
CA SER A 490 -22.26 -38.90 -41.92
C SER A 490 -22.49 -38.62 -40.45
N PHE A 491 -22.50 -39.64 -39.60
CA PHE A 491 -22.62 -39.44 -38.16
C PHE A 491 -21.26 -39.13 -37.52
N LEU A 492 -20.25 -39.94 -37.83
CA LEU A 492 -18.95 -39.83 -37.18
C LEU A 492 -18.26 -38.51 -37.50
N LEU A 493 -18.34 -38.06 -38.76
CA LEU A 493 -17.69 -36.81 -39.13
C LEU A 493 -18.32 -35.61 -38.43
N VAL A 494 -19.64 -35.58 -38.33
CA VAL A 494 -20.30 -34.47 -37.65
C VAL A 494 -19.99 -34.50 -36.16
N LEU A 495 -19.96 -35.70 -35.56
CA LEU A 495 -19.60 -35.80 -34.15
C LEU A 495 -18.16 -35.33 -33.92
N ASP A 496 -17.25 -35.68 -34.84
CA ASP A 496 -15.88 -35.21 -34.74
C ASP A 496 -15.79 -33.70 -34.87
N TYR A 497 -16.59 -33.11 -35.77
CA TYR A 497 -16.62 -31.66 -35.89
C TYR A 497 -17.05 -31.01 -34.58
N ILE A 498 -18.10 -31.56 -33.96
CA ILE A 498 -18.58 -31.00 -32.70
C ILE A 498 -17.51 -31.14 -31.62
N GLY A 499 -16.84 -32.29 -31.57
CA GLY A 499 -15.79 -32.50 -30.60
C GLY A 499 -14.60 -31.58 -30.78
N ILE A 500 -14.22 -31.27 -32.02
CA ILE A 500 -13.15 -30.31 -32.26
C ILE A 500 -13.57 -28.92 -31.83
N ASN A 501 -14.78 -28.51 -32.22
CA ASN A 501 -15.23 -27.16 -31.93
C ASN A 501 -15.36 -26.92 -30.42
N MET A 502 -15.91 -27.89 -29.68
CA MET A 502 -16.05 -27.71 -28.25
C MET A 502 -14.70 -27.66 -27.55
N ALA A 503 -13.76 -28.52 -27.96
CA ALA A 503 -12.41 -28.47 -27.41
C ALA A 503 -11.77 -27.13 -27.68
N SER A 504 -12.03 -26.55 -28.85
CA SER A 504 -11.53 -25.21 -29.13
C SER A 504 -12.17 -24.17 -28.21
N LEU A 505 -13.48 -24.24 -28.01
CA LEU A 505 -14.16 -23.27 -27.14
C LEU A 505 -13.74 -23.38 -25.69
N ASN A 506 -13.23 -24.53 -25.25
CA ASN A 506 -12.87 -24.64 -23.84
C ASN A 506 -11.76 -23.68 -23.47
N SER A 507 -10.75 -23.51 -24.33
CA SER A 507 -9.63 -22.62 -24.06
C SER A 507 -10.02 -21.15 -24.05
N CYS A 508 -11.29 -20.83 -24.29
CA CYS A 508 -11.77 -19.46 -24.23
C CYS A 508 -13.03 -19.33 -23.39
N ALA A 509 -13.28 -20.29 -22.50
CA ALA A 509 -14.48 -20.30 -21.69
C ALA A 509 -14.23 -20.15 -20.19
N ASN A 510 -13.00 -20.34 -19.73
CA ASN A 510 -12.71 -20.22 -18.31
C ASN A 510 -13.01 -18.82 -17.77
N PRO A 511 -12.63 -17.72 -18.42
CA PRO A 511 -13.07 -16.41 -17.92
C PRO A 511 -14.59 -16.30 -17.78
N ILE A 512 -15.34 -16.83 -18.74
CA ILE A 512 -16.80 -16.76 -18.68
C ILE A 512 -17.32 -17.59 -17.51
N ALA A 513 -16.78 -18.79 -17.34
CA ALA A 513 -17.19 -19.64 -16.24
C ALA A 513 -16.93 -18.95 -14.90
N LEU A 514 -15.74 -18.38 -14.74
CA LEU A 514 -15.41 -17.69 -13.49
C LEU A 514 -16.30 -16.48 -13.27
N TYR A 515 -16.59 -15.72 -14.32
CA TYR A 515 -17.49 -14.59 -14.21
C TYR A 515 -18.90 -15.01 -13.82
N LEU A 516 -19.33 -16.21 -14.22
CA LEU A 516 -20.67 -16.67 -13.91
C LEU A 516 -20.80 -17.38 -12.57
N VAL A 517 -19.73 -17.97 -12.04
CA VAL A 517 -19.82 -18.77 -10.83
C VAL A 517 -19.30 -18.04 -9.60
N SER A 518 -18.25 -17.24 -9.74
CA SER A 518 -17.55 -16.66 -8.60
C SER A 518 -17.97 -15.19 -8.43
N LYS A 519 -18.25 -14.80 -7.18
CA LYS A 519 -18.61 -13.43 -6.90
C LYS A 519 -17.40 -12.51 -6.97
N ARG A 520 -16.27 -12.96 -6.42
CA ARG A 520 -15.06 -12.13 -6.41
C ARG A 520 -14.58 -11.85 -7.82
N PHE A 521 -14.50 -12.90 -8.65
CA PHE A 521 -14.06 -12.73 -10.03
C PHE A 521 -15.00 -11.84 -10.82
N LYS A 522 -16.32 -12.01 -10.62
CA LYS A 522 -17.29 -11.18 -11.31
C LYS A 522 -17.12 -9.71 -10.93
N ASN A 523 -16.96 -9.45 -9.63
CA ASN A 523 -16.76 -8.07 -9.17
C ASN A 523 -15.49 -7.48 -9.76
N ALA A 524 -14.41 -8.29 -9.78
CA ALA A 524 -13.14 -7.80 -10.31
C ALA A 524 -13.23 -7.48 -11.79
N PHE A 525 -13.84 -8.37 -12.57
CA PHE A 525 -14.02 -8.10 -14.00
C PHE A 525 -14.90 -6.88 -14.22
N LYS A 526 -15.97 -6.72 -13.43
CA LYS A 526 -16.83 -5.56 -13.56
C LYS A 526 -16.05 -4.28 -13.28
N SER A 527 -15.18 -4.31 -12.27
CA SER A 527 -14.36 -3.14 -11.96
C SER A 527 -13.38 -2.84 -13.10
N ALA A 528 -12.78 -3.89 -13.68
CA ALA A 528 -11.75 -3.68 -14.68
C ALA A 528 -12.34 -3.18 -16.00
N LEU A 529 -13.24 -3.97 -16.59
CA LEU A 529 -13.76 -3.65 -17.92
C LEU A 529 -14.50 -2.33 -17.94
N CYS A 530 -15.32 -2.08 -16.92
CA CYS A 530 -16.06 -0.83 -16.85
C CYS A 530 -15.16 0.32 -16.43
N PRO A 557 -9.26 17.94 -3.70
CA PRO A 557 -9.21 17.70 -5.14
C PRO A 557 -8.25 16.56 -5.51
N SER A 558 -8.80 15.49 -6.08
CA SER A 558 -8.00 14.34 -6.47
C SER A 558 -7.35 14.49 -7.83
N HIS A 559 -7.63 15.58 -8.55
CA HIS A 559 -7.01 15.81 -9.84
C HIS A 559 -5.52 16.06 -9.68
N ARG A 560 -4.71 15.48 -10.57
CA ARG A 560 -3.27 15.65 -10.54
C ARG A 560 -2.85 16.55 -11.69
N LEU A 561 -2.10 17.60 -11.38
CA LEU A 561 -1.59 18.50 -12.42
C LEU A 561 -0.53 17.81 -13.27
N THR A 562 -0.62 18.03 -14.57
CA THR A 562 0.32 17.47 -15.53
C THR A 562 1.35 18.53 -15.94
N ALA A 563 2.28 18.13 -16.80
CA ALA A 563 3.31 19.05 -17.27
C ALA A 563 2.70 20.23 -18.03
N LYS A 564 1.65 19.97 -18.81
CA LYS A 564 0.99 21.06 -19.52
C LYS A 564 0.24 22.00 -18.59
N GLU A 565 -0.02 21.58 -17.35
CA GLU A 565 -0.73 22.43 -16.40
C GLU A 565 0.22 23.23 -15.52
N VAL A 566 1.40 22.69 -15.22
CA VAL A 566 2.35 23.41 -14.38
C VAL A 566 3.27 24.30 -15.21
N PHE A 567 3.91 23.76 -16.25
CA PHE A 567 4.86 24.50 -17.07
C PHE A 567 4.14 25.13 -18.24
N ASP A 568 4.45 26.40 -18.50
CA ASP A 568 3.90 27.09 -19.66
C ASP A 568 4.72 26.75 -20.90
N ASN A 569 4.47 27.48 -21.99
CA ASN A 569 5.20 27.26 -23.23
C ASN A 569 6.68 27.64 -23.11
N ASP A 570 7.04 28.49 -22.15
CA ASP A 570 8.42 28.92 -21.96
C ASP A 570 9.16 28.08 -20.91
N GLY A 571 8.52 27.07 -20.34
CA GLY A 571 9.16 26.25 -19.34
C GLY A 571 9.16 26.83 -17.94
N LYS A 572 8.49 27.96 -17.72
CA LYS A 572 8.41 28.58 -16.40
C LYS A 572 7.10 28.20 -15.72
N PRO A 573 7.17 27.46 -14.61
CA PRO A 573 5.94 27.09 -13.90
C PRO A 573 5.13 28.31 -13.48
N ARG A 574 3.81 28.15 -13.52
CA ARG A 574 2.88 29.21 -13.14
C ARG A 574 2.69 29.12 -11.63
N VAL A 575 3.25 30.10 -10.92
CA VAL A 575 3.29 30.03 -9.47
C VAL A 575 1.91 30.09 -8.84
N ASP A 576 0.95 30.78 -9.44
CA ASP A 576 -0.37 30.90 -8.84
C ASP A 576 -1.11 29.56 -8.81
N ILE A 577 -1.04 28.79 -9.90
CA ILE A 577 -1.75 27.51 -9.95
C ILE A 577 -1.16 26.53 -8.94
N LEU A 578 0.18 26.43 -8.91
CA LEU A 578 0.85 25.59 -7.92
C LEU A 578 0.51 26.05 -6.51
N LYS A 579 0.49 27.36 -6.31
CA LYS A 579 0.17 27.95 -5.01
C LYS A 579 -1.21 27.51 -4.54
N ALA A 580 -2.23 27.72 -5.39
CA ALA A 580 -3.60 27.39 -5.00
C ALA A 580 -3.77 25.90 -4.80
N HIS A 581 -3.21 25.09 -5.70
CA HIS A 581 -3.35 23.65 -5.57
C HIS A 581 -2.71 23.14 -4.29
N LEU A 582 -1.52 23.64 -3.95
CA LEU A 582 -0.82 23.10 -2.79
C LEU A 582 -1.45 23.66 -1.51
N MET A 583 -2.07 24.83 -1.59
CA MET A 583 -2.92 25.35 -0.53
C MET A 583 -4.14 24.47 -0.29
N LYS A 584 -4.72 23.91 -1.34
CA LYS A 584 -5.93 23.09 -1.22
C LYS A 584 -5.61 21.61 -1.03
N GLU A 585 -4.47 21.29 -0.41
CA GLU A 585 -4.03 19.92 -0.14
C GLU A 585 -3.78 19.11 -1.40
N GLY A 586 -3.70 19.76 -2.55
CA GLY A 586 -3.53 19.03 -3.79
C GLY A 586 -2.16 18.39 -3.91
N ARG A 587 -2.03 17.51 -4.89
CA ARG A 587 -0.80 16.79 -5.13
C ARG A 587 -0.31 17.10 -6.54
N LEU A 588 0.87 16.60 -6.87
CA LEU A 588 1.44 16.78 -8.19
C LEU A 588 1.84 15.45 -8.80
N GLU A 589 1.88 15.43 -10.13
CA GLU A 589 2.32 14.25 -10.84
C GLU A 589 3.79 13.96 -10.55
N GLU A 590 4.15 12.68 -10.62
CA GLU A 590 5.53 12.29 -10.35
C GLU A 590 6.49 12.96 -11.32
N THR A 591 6.15 12.98 -12.61
CA THR A 591 7.03 13.56 -13.61
C THR A 591 7.25 15.05 -13.37
N VAL A 592 6.17 15.78 -13.07
CA VAL A 592 6.29 17.22 -12.89
C VAL A 592 7.13 17.55 -11.66
N ALA A 593 6.88 16.86 -10.55
CA ALA A 593 7.66 17.10 -9.34
C ALA A 593 9.12 16.77 -9.54
N LEU A 594 9.39 15.62 -10.17
CA LEU A 594 10.78 15.24 -10.43
C LEU A 594 11.46 16.25 -11.35
N ARG A 595 10.77 16.70 -12.40
CA ARG A 595 11.33 17.71 -13.30
C ARG A 595 11.68 18.98 -12.54
N ILE A 596 10.72 19.50 -11.76
CA ILE A 596 10.95 20.72 -11.00
C ILE A 596 12.17 20.56 -10.10
N ILE A 597 12.22 19.49 -9.33
CA ILE A 597 13.28 19.34 -8.34
C ILE A 597 14.63 19.16 -9.01
N THR A 598 14.69 18.34 -10.07
CA THR A 598 15.96 18.10 -10.74
C THR A 598 16.52 19.35 -11.41
N GLU A 599 15.68 20.09 -12.15
CA GLU A 599 16.24 21.26 -12.83
C GLU A 599 16.46 22.41 -11.84
N GLY A 600 15.75 22.41 -10.71
CA GLY A 600 16.10 23.34 -9.66
C GLY A 600 17.47 23.05 -9.06
N ALA A 601 17.77 21.77 -8.87
CA ALA A 601 19.12 21.39 -8.46
C ALA A 601 20.15 21.81 -9.50
N SER A 602 19.79 21.66 -10.78
CA SER A 602 20.68 22.11 -11.85
C SER A 602 20.95 23.60 -11.77
N ILE A 603 19.91 24.40 -11.51
CA ILE A 603 20.10 25.84 -11.37
C ILE A 603 21.00 26.15 -10.16
N LEU A 604 20.74 25.48 -9.03
CA LEU A 604 21.49 25.78 -7.81
C LEU A 604 22.94 25.35 -7.90
N ARG A 605 23.25 24.34 -8.71
CA ARG A 605 24.61 23.86 -8.81
C ARG A 605 25.56 24.93 -9.34
N GLN A 606 25.04 25.90 -10.08
CA GLN A 606 25.88 26.92 -10.70
C GLN A 606 26.26 28.07 -9.77
N GLU A 607 25.62 28.18 -8.60
CA GLU A 607 25.90 29.26 -7.68
C GLU A 607 27.17 28.98 -6.88
N LYS A 608 27.82 30.06 -6.47
CA LYS A 608 29.06 29.96 -5.73
C LYS A 608 28.80 29.60 -4.26
N ASN A 609 29.90 29.35 -3.54
CA ASN A 609 29.79 29.01 -2.12
C ASN A 609 29.22 30.18 -1.33
N LEU A 610 29.69 31.39 -1.61
CA LEU A 610 29.31 32.59 -0.86
C LEU A 610 28.63 33.55 -1.83
N LEU A 611 27.36 33.82 -1.59
CA LEU A 611 26.59 34.72 -2.45
C LEU A 611 26.83 36.17 -2.05
N ASP A 612 26.89 37.04 -3.05
CA ASP A 612 26.98 38.48 -2.82
C ASP A 612 25.59 39.08 -3.01
N ILE A 613 25.00 39.52 -1.91
CA ILE A 613 23.62 40.01 -1.89
C ILE A 613 23.63 41.46 -1.43
N ASP A 614 22.93 42.32 -2.16
CA ASP A 614 22.84 43.73 -1.85
C ASP A 614 21.44 44.08 -1.34
N ALA A 615 21.36 45.17 -0.59
CA ALA A 615 20.10 45.67 -0.06
C ALA A 615 19.21 46.19 -1.19
N PRO A 616 17.88 46.13 -1.02
CA PRO A 616 17.14 45.60 0.14
C PRO A 616 17.09 44.08 0.15
N VAL A 617 16.88 43.50 1.33
CA VAL A 617 16.88 42.04 1.46
C VAL A 617 16.00 41.65 2.64
N THR A 618 15.27 40.55 2.45
CA THR A 618 14.42 39.98 3.49
C THR A 618 14.99 38.62 3.88
N VAL A 619 15.18 38.42 5.19
CA VAL A 619 15.81 37.22 5.73
C VAL A 619 14.82 36.53 6.65
N CYS A 620 14.68 35.21 6.47
CA CYS A 620 13.75 34.41 7.23
C CYS A 620 14.50 33.24 7.86
N GLY A 621 13.97 32.76 8.98
CA GLY A 621 14.58 31.69 9.75
C GLY A 621 14.05 30.33 9.37
N ASP A 622 13.97 29.44 10.35
CA ASP A 622 13.53 28.07 10.10
C ASP A 622 12.06 28.05 9.73
N ILE A 623 11.73 27.27 8.70
CA ILE A 623 10.35 27.04 8.28
C ILE A 623 9.84 25.69 8.75
N HIS A 624 10.63 24.64 8.55
CA HIS A 624 10.34 23.30 9.06
C HIS A 624 8.98 22.79 8.56
N GLY A 625 8.73 22.93 7.26
CA GLY A 625 7.58 22.30 6.65
C GLY A 625 6.25 22.93 6.95
N GLN A 626 6.25 24.11 7.57
CA GLN A 626 5.00 24.80 7.90
C GLN A 626 4.55 25.62 6.69
N PHE A 627 3.91 24.92 5.76
CA PHE A 627 3.57 25.52 4.47
C PHE A 627 2.61 26.69 4.63
N PHE A 628 1.61 26.55 5.50
CA PHE A 628 0.67 27.64 5.71
C PHE A 628 1.33 28.80 6.46
N ASP A 629 2.22 28.48 7.40
CA ASP A 629 3.00 29.53 8.04
C ASP A 629 3.98 30.17 7.05
N LEU A 630 4.50 29.39 6.11
CA LEU A 630 5.31 29.97 5.04
C LEU A 630 4.46 30.91 4.19
N MET A 631 3.20 30.57 3.97
CA MET A 631 2.27 31.46 3.30
C MET A 631 2.09 32.76 4.08
N LYS A 632 1.92 32.66 5.39
CA LYS A 632 1.74 33.88 6.20
C LYS A 632 3.01 34.72 6.16
N LEU A 633 4.18 34.07 6.15
CA LEU A 633 5.45 34.78 6.04
C LEU A 633 5.54 35.56 4.73
N PHE A 634 5.25 34.89 3.61
CA PHE A 634 5.29 35.58 2.33
C PHE A 634 4.27 36.70 2.25
N GLU A 635 3.09 36.51 2.86
CA GLU A 635 2.10 37.59 2.87
C GLU A 635 2.60 38.80 3.67
N VAL A 636 3.17 38.56 4.85
CA VAL A 636 3.61 39.67 5.69
C VAL A 636 4.80 40.39 5.07
N GLY A 637 5.80 39.63 4.62
CA GLY A 637 7.01 40.23 4.11
C GLY A 637 6.90 40.78 2.70
N GLY A 638 5.78 40.52 2.06
CA GLY A 638 5.59 40.95 0.69
C GLY A 638 5.84 39.81 -0.29
N SER A 639 5.19 39.91 -1.44
CA SER A 639 5.29 38.84 -2.43
C SER A 639 6.72 38.76 -2.97
N PRO A 640 7.21 37.55 -3.28
CA PRO A 640 8.53 37.44 -3.91
C PRO A 640 8.60 38.05 -5.30
N ALA A 641 7.47 38.48 -5.87
CA ALA A 641 7.50 39.11 -7.18
C ALA A 641 8.30 40.41 -7.17
N ASN A 642 8.39 41.07 -6.01
CA ASN A 642 9.11 42.33 -5.90
C ASN A 642 10.03 42.39 -4.68
N THR A 643 10.23 41.29 -3.97
CA THR A 643 11.04 41.27 -2.76
C THR A 643 12.09 40.16 -2.85
N ARG A 644 13.33 40.51 -2.53
CA ARG A 644 14.41 39.54 -2.47
C ARG A 644 14.36 38.80 -1.14
N TYR A 645 14.56 37.49 -1.19
CA TYR A 645 14.43 36.63 -0.02
C TYR A 645 15.71 35.84 0.22
N LEU A 646 16.10 35.74 1.48
CA LEU A 646 17.23 34.92 1.91
C LEU A 646 16.77 34.01 3.03
N PHE A 647 16.56 32.73 2.71
CA PHE A 647 16.13 31.74 3.68
C PHE A 647 17.37 31.05 4.26
N LEU A 648 17.42 30.97 5.58
CA LEU A 648 18.62 30.50 6.27
C LEU A 648 18.72 28.99 6.37
N GLY A 649 17.66 28.26 6.04
CA GLY A 649 17.70 26.82 6.00
C GLY A 649 16.56 26.19 6.78
N ASP A 650 16.67 24.86 6.94
CA ASP A 650 15.67 24.04 7.60
C ASP A 650 14.29 24.19 6.98
N TYR A 651 14.16 23.78 5.72
CA TYR A 651 12.89 23.87 5.01
C TYR A 651 11.98 22.69 5.27
N VAL A 652 12.47 21.63 5.92
CA VAL A 652 11.69 20.42 6.13
C VAL A 652 11.71 20.02 7.60
N ASP A 653 11.08 18.89 7.91
CA ASP A 653 11.15 18.24 9.22
C ASP A 653 10.35 19.00 10.27
N ARG A 654 9.91 18.29 11.31
CA ARG A 654 9.10 18.84 12.41
C ARG A 654 7.71 19.27 11.95
N GLY A 655 7.44 19.16 10.65
CA GLY A 655 6.14 19.52 10.12
C GLY A 655 5.51 18.38 9.36
N TYR A 656 4.30 18.63 8.87
CA TYR A 656 3.57 17.65 8.09
C TYR A 656 3.35 18.09 6.66
N PHE A 657 3.91 19.25 6.27
CA PHE A 657 3.76 19.77 4.93
C PHE A 657 5.10 20.25 4.38
N SER A 658 6.13 19.40 4.47
CA SER A 658 7.47 19.80 4.03
C SER A 658 7.60 19.76 2.52
N ILE A 659 6.98 18.76 1.88
CA ILE A 659 7.12 18.62 0.43
C ILE A 659 6.49 19.80 -0.29
N GLU A 660 5.43 20.37 0.28
CA GLU A 660 4.83 21.59 -0.24
C GLU A 660 5.81 22.76 -0.19
N CYS A 661 6.49 22.93 0.94
CA CYS A 661 7.47 24.00 1.07
C CYS A 661 8.59 23.83 0.05
N VAL A 662 9.09 22.60 -0.10
CA VAL A 662 10.13 22.31 -1.07
C VAL A 662 9.66 22.68 -2.47
N LEU A 663 8.48 22.18 -2.86
CA LEU A 663 7.98 22.42 -4.21
C LEU A 663 7.85 23.90 -4.47
N TYR A 664 7.31 24.65 -3.51
CA TYR A 664 7.05 26.06 -3.79
C TYR A 664 8.33 26.89 -3.78
N LEU A 665 9.28 26.58 -2.89
CA LEU A 665 10.50 27.39 -2.83
C LEU A 665 11.38 27.14 -4.05
N TRP A 666 11.64 25.88 -4.39
CA TRP A 666 12.32 25.63 -5.67
C TRP A 666 11.49 26.03 -6.88
N ALA A 667 10.16 26.14 -6.77
CA ALA A 667 9.39 26.69 -7.89
C ALA A 667 9.69 28.18 -8.08
N LEU A 668 9.73 28.93 -6.98
CA LEU A 668 10.15 30.33 -7.08
C LEU A 668 11.58 30.43 -7.57
N LYS A 669 12.42 29.45 -7.21
CA LYS A 669 13.78 29.45 -7.73
C LYS A 669 13.80 29.24 -9.25
N ILE A 670 12.89 28.41 -9.76
CA ILE A 670 12.72 28.30 -11.20
C ILE A 670 12.34 29.66 -11.78
N LEU A 671 11.32 30.29 -11.21
CA LEU A 671 10.83 31.54 -11.79
C LEU A 671 11.79 32.68 -11.50
N TYR A 672 12.31 32.78 -10.28
CA TYR A 672 13.13 33.89 -9.84
C TYR A 672 14.44 33.37 -9.26
N PRO A 673 15.35 32.90 -10.11
CA PRO A 673 16.63 32.38 -9.59
C PRO A 673 17.54 33.45 -9.02
N LYS A 674 17.45 34.67 -9.55
CA LYS A 674 18.38 35.74 -9.18
C LYS A 674 17.86 36.65 -8.08
N THR A 675 16.56 36.66 -7.83
CA THR A 675 16.01 37.47 -6.76
C THR A 675 15.66 36.66 -5.52
N LEU A 676 15.68 35.33 -5.61
CA LEU A 676 15.42 34.45 -4.48
C LEU A 676 16.71 33.71 -4.14
N PHE A 677 17.10 33.75 -2.87
CA PHE A 677 18.33 33.15 -2.39
C PHE A 677 18.00 32.14 -1.31
N LEU A 678 18.60 30.96 -1.39
CA LEU A 678 18.38 29.88 -0.43
C LEU A 678 19.72 29.40 0.11
N LEU A 679 19.79 29.18 1.41
CA LEU A 679 20.97 28.64 2.06
C LEU A 679 20.66 27.31 2.72
N ARG A 680 21.67 26.45 2.78
CA ARG A 680 21.55 25.12 3.37
C ARG A 680 21.19 25.20 4.85
N GLY A 681 20.36 24.25 5.29
CA GLY A 681 20.16 23.96 6.69
C GLY A 681 20.70 22.57 7.01
N ASN A 682 20.81 22.31 8.31
CA ASN A 682 21.37 21.04 8.74
C ASN A 682 20.39 19.88 8.59
N HIS A 683 19.09 20.17 8.43
CA HIS A 683 18.10 19.10 8.32
C HIS A 683 18.02 18.49 6.93
N GLU A 684 18.69 19.08 5.94
CA GLU A 684 18.74 18.52 4.58
C GLU A 684 19.94 17.61 4.40
N CYS A 685 19.93 16.48 5.11
CA CYS A 685 20.96 15.46 5.01
C CYS A 685 20.29 14.09 5.10
N ARG A 686 21.06 13.04 4.81
CA ARG A 686 20.53 11.69 4.98
C ARG A 686 20.02 11.45 6.39
N HIS A 687 20.87 11.73 7.39
CA HIS A 687 20.62 11.27 8.75
C HIS A 687 19.37 11.93 9.33
N LEU A 688 19.30 13.26 9.26
CA LEU A 688 18.17 13.95 9.86
C LEU A 688 16.86 13.67 9.13
N THR A 689 16.91 13.60 7.80
CA THR A 689 15.69 13.32 7.04
C THR A 689 15.16 11.90 7.29
N GLU A 690 16.05 10.90 7.37
CA GLU A 690 15.56 9.56 7.67
C GLU A 690 15.18 9.42 9.14
N TYR A 691 15.77 10.26 10.00
CA TYR A 691 15.43 10.22 11.41
C TYR A 691 14.06 10.84 11.68
N PHE A 692 13.75 11.94 11.01
CA PHE A 692 12.47 12.60 11.20
C PHE A 692 11.44 12.13 10.17
N THR A 693 10.34 12.86 10.06
CA THR A 693 9.16 12.41 9.32
C THR A 693 9.20 12.71 7.83
N PHE A 694 10.27 13.31 7.32
CA PHE A 694 10.29 13.69 5.90
C PHE A 694 10.27 12.47 4.98
N LYS A 695 10.97 11.40 5.37
CA LYS A 695 11.00 10.21 4.52
C LYS A 695 9.61 9.62 4.35
N GLN A 696 8.87 9.48 5.45
CA GLN A 696 7.51 8.98 5.35
C GLN A 696 6.62 9.98 4.61
N GLU A 697 6.92 11.27 4.75
CA GLU A 697 6.21 12.28 3.96
C GLU A 697 6.35 12.01 2.47
N CYS A 698 7.58 11.78 2.01
CA CYS A 698 7.78 11.49 0.59
C CYS A 698 7.15 10.17 0.21
N LYS A 699 7.21 9.17 1.09
CA LYS A 699 6.68 7.85 0.75
C LYS A 699 5.16 7.89 0.60
N ILE A 700 4.49 8.69 1.41
CA ILE A 700 3.02 8.73 1.35
C ILE A 700 2.55 9.72 0.29
N LYS A 701 3.14 10.92 0.26
CA LYS A 701 2.74 11.94 -0.71
C LYS A 701 3.14 11.57 -2.13
N TYR A 702 4.26 10.86 -2.29
CA TYR A 702 4.81 10.55 -3.60
C TYR A 702 5.53 9.20 -3.55
N SER A 703 6.42 8.96 -4.52
CA SER A 703 7.24 7.75 -4.50
C SER A 703 8.61 8.11 -3.96
N GLU A 704 9.40 7.08 -3.63
CA GLU A 704 10.74 7.30 -3.09
C GLU A 704 11.67 7.97 -4.09
N ARG A 705 11.37 7.88 -5.39
CA ARG A 705 12.17 8.59 -6.37
C ARG A 705 12.07 10.10 -6.18
N VAL A 706 10.88 10.58 -5.77
CA VAL A 706 10.74 11.99 -5.43
C VAL A 706 11.61 12.34 -4.23
N TYR A 707 11.70 11.44 -3.26
CA TYR A 707 12.61 11.63 -2.13
C TYR A 707 14.05 11.75 -2.60
N ASP A 708 14.47 10.87 -3.52
CA ASP A 708 15.84 10.92 -4.00
C ASP A 708 16.11 12.22 -4.73
N ALA A 709 15.18 12.67 -5.57
CA ALA A 709 15.34 13.94 -6.26
C ALA A 709 15.42 15.09 -5.27
N CYS A 710 14.56 15.08 -4.24
CA CYS A 710 14.58 16.14 -3.24
C CYS A 710 15.91 16.18 -2.51
N MET A 711 16.46 15.02 -2.17
CA MET A 711 17.75 14.98 -1.50
C MET A 711 18.87 15.47 -2.42
N ASP A 712 18.79 15.12 -3.70
CA ASP A 712 19.79 15.60 -4.66
C ASP A 712 19.74 17.12 -4.78
N ALA A 713 18.54 17.68 -4.80
CA ALA A 713 18.40 19.14 -4.80
C ALA A 713 18.95 19.74 -3.52
N PHE A 714 18.66 19.11 -2.38
CA PHE A 714 19.18 19.57 -1.10
C PHE A 714 20.71 19.62 -1.11
N ASP A 715 21.34 18.64 -1.75
CA ASP A 715 22.79 18.58 -1.84
C ASP A 715 23.39 19.78 -2.55
N CYS A 716 22.61 20.49 -3.37
CA CYS A 716 23.13 21.56 -4.21
C CYS A 716 22.90 22.96 -3.64
N LEU A 717 22.36 23.09 -2.43
CA LEU A 717 22.11 24.42 -1.88
C LEU A 717 23.41 25.11 -1.51
N PRO A 718 23.49 26.43 -1.65
CA PRO A 718 24.65 27.16 -1.14
C PRO A 718 24.70 27.14 0.38
N LEU A 719 25.81 27.62 0.93
CA LEU A 719 26.04 27.56 2.36
C LEU A 719 25.88 28.89 3.08
N ALA A 720 26.43 29.97 2.54
CA ALA A 720 26.46 31.23 3.28
C ALA A 720 26.32 32.37 2.29
N ALA A 721 26.01 33.56 2.82
CA ALA A 721 25.82 34.74 2.01
C ALA A 721 26.56 35.92 2.63
N LEU A 722 26.96 36.87 1.78
CA LEU A 722 27.57 38.12 2.21
C LEU A 722 26.59 39.23 1.83
N MET A 723 25.97 39.84 2.83
CA MET A 723 24.87 40.77 2.61
C MET A 723 25.37 42.21 2.83
N ASN A 724 25.31 43.00 1.75
CA ASN A 724 25.60 44.43 1.77
C ASN A 724 27.03 44.74 2.21
N GLN A 725 27.98 43.84 1.92
CA GLN A 725 29.39 44.04 2.21
C GLN A 725 29.64 44.33 3.69
N GLN A 726 28.66 44.08 4.54
CA GLN A 726 28.77 44.40 5.96
C GLN A 726 28.41 43.20 6.81
N PHE A 727 27.56 42.31 6.29
CA PHE A 727 26.94 41.27 7.09
C PHE A 727 27.26 39.90 6.51
N LEU A 728 27.32 38.89 7.37
CA LEU A 728 27.54 37.52 6.94
C LEU A 728 26.38 36.67 7.45
N CYS A 729 25.73 35.95 6.54
CA CYS A 729 24.53 35.18 6.84
C CYS A 729 24.85 33.69 6.72
N VAL A 730 24.57 32.94 7.78
CA VAL A 730 24.76 31.49 7.83
C VAL A 730 23.55 30.87 8.52
N HIS A 731 23.60 29.55 8.67
CA HIS A 731 22.53 28.85 9.38
C HIS A 731 22.87 28.66 10.85
N GLY A 732 24.09 28.20 11.14
CA GLY A 732 24.52 27.99 12.50
C GLY A 732 25.40 29.10 13.01
N GLY A 733 26.71 28.89 12.99
CA GLY A 733 27.63 29.91 13.44
C GLY A 733 29.06 29.68 12.99
N LEU A 734 30.02 30.16 13.78
CA LEU A 734 31.42 30.12 13.41
C LEU A 734 32.03 28.75 13.69
N SER A 735 33.26 28.57 13.20
CA SER A 735 34.01 27.34 13.39
C SER A 735 35.41 27.66 13.89
N PRO A 736 36.00 26.79 14.71
CA PRO A 736 37.42 26.97 15.06
C PRO A 736 38.35 26.85 13.88
N GLU A 737 37.93 26.17 12.82
CA GLU A 737 38.75 25.98 11.62
C GLU A 737 38.56 27.09 10.59
N ILE A 738 37.70 28.06 10.86
CA ILE A 738 37.40 29.13 9.91
C ILE A 738 37.85 30.44 10.53
N ASN A 739 38.76 31.14 9.85
CA ASN A 739 39.23 32.44 10.30
C ASN A 739 38.94 33.57 9.31
N THR A 740 38.87 33.27 8.01
CA THR A 740 38.55 34.26 7.00
C THR A 740 37.49 33.69 6.06
N LEU A 741 36.86 34.58 5.31
CA LEU A 741 35.82 34.19 4.36
C LEU A 741 36.35 33.25 3.29
N ASP A 742 37.65 33.28 3.02
CA ASP A 742 38.24 32.37 2.04
C ASP A 742 38.04 30.92 2.43
N ASP A 743 38.07 30.61 3.73
CA ASP A 743 37.81 29.25 4.19
C ASP A 743 36.40 28.81 3.84
N ILE A 744 35.42 29.70 3.99
CA ILE A 744 34.06 29.39 3.59
C ILE A 744 33.95 29.23 2.08
N ARG A 745 34.66 30.07 1.33
CA ARG A 745 34.53 30.05 -0.13
C ARG A 745 35.12 28.79 -0.75
N LYS A 746 36.04 28.11 -0.06
CA LYS A 746 36.68 26.94 -0.62
C LYS A 746 35.98 25.64 -0.26
N LEU A 747 34.84 25.69 0.44
CA LEU A 747 34.18 24.47 0.88
C LEU A 747 33.54 23.74 -0.30
N ASP A 748 33.60 22.41 -0.26
CA ASP A 748 32.92 21.56 -1.22
C ASP A 748 31.54 21.24 -0.64
N ARG A 749 30.53 21.96 -1.11
CA ARG A 749 29.20 21.87 -0.56
C ARG A 749 28.36 20.75 -1.15
N PHE A 750 28.86 20.07 -2.17
CA PHE A 750 28.09 19.05 -2.89
C PHE A 750 28.34 17.67 -2.30
N LYS A 751 28.06 17.54 -1.00
CA LYS A 751 28.29 16.27 -0.32
C LYS A 751 27.43 16.23 0.94
N GLU A 752 27.29 15.02 1.48
CA GLU A 752 26.69 14.84 2.79
C GLU A 752 27.49 15.62 3.82
N PRO A 753 26.84 16.36 4.72
CA PRO A 753 27.58 17.10 5.75
C PRO A 753 28.26 16.14 6.71
N PRO A 754 29.59 16.10 6.72
CA PRO A 754 30.29 15.15 7.59
C PRO A 754 30.12 15.48 9.06
N ALA A 755 30.38 14.48 9.90
CA ALA A 755 30.23 14.62 11.34
C ALA A 755 31.19 15.63 11.95
N TYR A 756 32.23 16.03 11.22
CA TYR A 756 33.19 17.00 11.73
C TYR A 756 33.68 17.87 10.58
N GLY A 757 34.22 19.03 10.93
CA GLY A 757 34.74 19.95 9.95
C GLY A 757 33.94 21.24 9.89
N PRO A 758 34.38 22.18 9.05
CA PRO A 758 33.63 23.42 8.89
C PRO A 758 32.21 23.22 8.39
N MET A 759 31.96 22.12 7.68
CA MET A 759 30.59 21.80 7.26
C MET A 759 29.67 21.66 8.47
N CYS A 760 30.01 20.73 9.38
CA CYS A 760 29.17 20.48 10.54
C CYS A 760 29.14 21.69 11.48
N ASP A 761 30.28 22.37 11.62
CA ASP A 761 30.32 23.55 12.48
C ASP A 761 29.42 24.67 11.94
N ILE A 762 29.42 24.87 10.62
CA ILE A 762 28.54 25.88 10.04
C ILE A 762 27.08 25.46 10.20
N LEU A 763 26.78 24.17 10.05
CA LEU A 763 25.39 23.74 10.06
C LEU A 763 24.83 23.45 11.45
N TRP A 764 25.67 23.41 12.49
CA TRP A 764 25.22 22.94 13.79
C TRP A 764 25.62 23.80 14.98
N SER A 765 26.60 24.69 14.85
CA SER A 765 27.10 25.41 16.00
C SER A 765 26.07 26.38 16.56
N ASP A 766 26.14 26.58 17.87
CA ASP A 766 25.26 27.47 18.61
C ASP A 766 26.11 28.31 19.56
N PRO A 767 25.63 29.49 19.95
CA PRO A 767 26.35 30.27 20.96
C PRO A 767 26.19 29.68 22.34
N LEU A 768 27.06 30.13 23.25
CA LEU A 768 27.02 29.67 24.62
C LEU A 768 25.75 30.18 25.32
N GLU A 769 25.43 29.55 26.44
CA GLU A 769 24.22 29.91 27.18
C GLU A 769 24.30 31.35 27.70
N ASP A 770 25.47 31.77 28.16
CA ASP A 770 25.69 33.10 28.71
C ASP A 770 26.42 34.00 27.73
N PHE A 771 26.07 33.91 26.44
CA PHE A 771 26.75 34.69 25.41
C PHE A 771 26.72 36.17 25.73
N GLY A 772 27.89 36.81 25.65
CA GLY A 772 28.05 38.19 26.01
C GLY A 772 28.51 38.43 27.43
N ASN A 773 28.35 37.44 28.30
CA ASN A 773 28.76 37.55 29.70
C ASN A 773 29.48 36.29 30.16
N GLU A 774 30.24 35.66 29.27
CA GLU A 774 30.90 34.40 29.61
C GLU A 774 32.07 34.65 30.55
N LYS A 775 32.25 33.72 31.49
CA LYS A 775 33.22 33.88 32.56
C LYS A 775 34.66 33.77 32.11
N THR A 776 34.97 32.88 31.17
CA THR A 776 36.33 32.60 30.76
C THR A 776 36.63 33.26 29.42
N GLN A 777 37.83 32.98 28.92
CA GLN A 777 38.28 33.48 27.62
C GLN A 777 38.30 32.38 26.55
N GLU A 778 37.72 31.22 26.85
CA GLU A 778 37.72 30.13 25.88
C GLU A 778 36.82 30.47 24.70
N HIS A 779 37.40 30.49 23.50
CA HIS A 779 36.65 30.87 22.32
C HIS A 779 35.63 29.82 21.93
N PHE A 780 36.03 28.55 21.92
CA PHE A 780 35.14 27.46 21.52
C PHE A 780 35.14 26.38 22.60
N THR A 781 33.95 25.84 22.87
CA THR A 781 33.79 24.76 23.84
C THR A 781 32.97 23.65 23.19
N HIS A 782 33.02 22.47 23.80
CA HIS A 782 32.31 21.32 23.25
C HIS A 782 30.81 21.55 23.27
N ASN A 783 30.13 21.01 22.25
CA ASN A 783 28.69 21.16 22.09
C ASN A 783 28.01 19.86 22.49
N THR A 784 27.56 19.78 23.74
CA THR A 784 26.87 18.58 24.20
C THR A 784 25.44 18.51 23.71
N VAL A 785 24.76 19.65 23.61
CA VAL A 785 23.33 19.65 23.27
C VAL A 785 23.10 19.07 21.89
N ARG A 786 23.82 19.57 20.88
CA ARG A 786 23.69 19.06 19.53
C ARG A 786 24.39 17.73 19.33
N GLY A 787 25.37 17.39 20.17
CA GLY A 787 26.17 16.20 19.98
C GLY A 787 27.28 16.37 18.97
N CYS A 788 27.40 17.55 18.36
CA CYS A 788 28.41 17.82 17.36
C CYS A 788 28.64 19.33 17.33
N SER A 789 29.65 19.74 16.55
CA SER A 789 30.05 21.15 16.45
C SER A 789 30.47 21.70 17.81
N TYR A 790 30.42 23.03 17.97
CA TYR A 790 30.96 23.65 19.17
C TYR A 790 30.14 24.88 19.54
N PHE A 791 30.21 25.23 20.82
CA PHE A 791 29.74 26.52 21.32
C PHE A 791 30.80 27.58 21.07
N TYR A 792 30.37 28.73 20.57
CA TYR A 792 31.27 29.85 20.29
C TYR A 792 30.92 31.04 21.19
N SER A 793 31.92 31.86 21.45
CA SER A 793 31.83 32.93 22.44
C SER A 793 31.76 34.30 21.79
N TYR A 794 31.34 35.28 22.60
CA TYR A 794 31.40 36.68 22.18
C TYR A 794 32.81 37.15 21.83
N PRO A 795 33.86 36.81 22.58
CA PRO A 795 35.22 37.13 22.10
C PRO A 795 35.52 36.56 20.73
N ALA A 796 35.09 35.32 20.45
CA ALA A 796 35.32 34.73 19.15
C ALA A 796 34.56 35.46 18.05
N VAL A 797 33.31 35.84 18.34
CA VAL A 797 32.52 36.57 17.35
C VAL A 797 33.16 37.91 17.04
N CYS A 798 33.61 38.63 18.07
CA CYS A 798 34.28 39.91 17.82
C CYS A 798 35.59 39.73 17.09
N GLU A 799 36.33 38.67 17.41
CA GLU A 799 37.57 38.36 16.68
C GLU A 799 37.28 38.17 15.20
N PHE A 800 36.28 37.36 14.87
CA PHE A 800 35.95 37.10 13.47
C PHE A 800 35.46 38.37 12.77
N LEU A 801 34.63 39.16 13.46
CA LEU A 801 34.09 40.37 12.85
C LEU A 801 35.18 41.38 12.57
N GLN A 802 36.12 41.57 13.51
CA GLN A 802 37.17 42.55 13.31
C GLN A 802 38.21 42.06 12.30
N HIS A 803 38.53 40.78 12.34
CA HIS A 803 39.55 40.24 11.44
C HIS A 803 39.11 40.28 9.98
N ASN A 804 37.85 39.93 9.71
CA ASN A 804 37.32 39.91 8.35
C ASN A 804 36.67 41.23 7.95
N ASN A 805 36.60 42.19 8.86
CA ASN A 805 35.93 43.47 8.63
C ASN A 805 34.46 43.27 8.29
N LEU A 806 33.80 42.42 9.06
CA LEU A 806 32.35 42.25 9.02
C LEU A 806 31.72 42.89 10.24
N LEU A 807 30.49 43.37 10.08
CA LEU A 807 29.83 44.13 11.13
C LEU A 807 28.96 43.25 12.03
N SER A 808 28.19 42.34 11.45
CA SER A 808 27.33 41.46 12.24
C SER A 808 27.08 40.18 11.45
N ILE A 809 26.55 39.18 12.13
CA ILE A 809 26.30 37.86 11.57
C ILE A 809 24.87 37.44 11.88
N LEU A 810 24.18 36.94 10.86
CA LEU A 810 22.79 36.49 10.97
C LEU A 810 22.77 34.97 10.96
N ARG A 811 21.88 34.38 11.75
CA ARG A 811 21.84 32.93 11.89
C ARG A 811 20.43 32.46 12.22
N ALA A 812 20.30 31.13 12.34
CA ALA A 812 19.04 30.45 12.62
C ALA A 812 19.39 29.28 13.53
N HIS A 813 18.55 28.25 13.61
CA HIS A 813 18.90 26.96 14.21
C HIS A 813 18.79 26.95 15.74
N GLU A 814 18.24 28.01 16.32
CA GLU A 814 17.87 28.01 17.73
C GLU A 814 16.45 28.55 17.88
N ALA A 815 15.65 27.89 18.70
CA ALA A 815 14.28 28.33 18.92
C ALA A 815 14.25 29.63 19.70
N GLN A 816 13.41 30.56 19.27
CA GLN A 816 13.24 31.86 19.93
C GLN A 816 11.77 32.08 20.19
N ASP A 817 11.44 32.45 21.43
CA ASP A 817 10.05 32.70 21.78
C ASP A 817 9.48 33.88 20.99
N ALA A 818 10.26 34.96 20.86
CA ALA A 818 9.85 36.12 20.10
C ALA A 818 10.15 35.99 18.61
N GLY A 819 10.77 34.88 18.20
CA GLY A 819 11.12 34.67 16.80
C GLY A 819 12.43 35.29 16.38
N TYR A 820 13.06 36.08 17.25
CA TYR A 820 14.32 36.72 16.93
C TYR A 820 15.04 37.06 18.23
N ARG A 821 16.35 37.30 18.11
CA ARG A 821 17.17 37.62 19.27
C ARG A 821 18.43 38.32 18.82
N MET A 822 18.67 39.52 19.36
CA MET A 822 19.94 40.23 19.16
C MET A 822 20.83 39.92 20.37
N TYR A 823 22.02 39.38 20.11
CA TYR A 823 22.98 39.11 21.16
C TYR A 823 23.72 40.39 21.53
N ARG A 824 24.80 40.25 22.31
CA ARG A 824 25.44 41.41 22.92
C ARG A 824 25.99 42.38 21.88
N LYS A 825 25.83 43.67 22.16
CA LYS A 825 26.27 44.73 21.27
C LYS A 825 27.80 44.77 21.21
N SER A 826 28.32 45.07 20.02
CA SER A 826 29.76 45.03 19.80
C SER A 826 30.41 46.33 20.27
N GLN A 827 31.57 46.19 20.91
CA GLN A 827 32.24 47.34 21.48
C GLN A 827 32.85 48.25 20.41
N THR A 828 33.53 47.66 19.42
CA THR A 828 34.27 48.46 18.44
C THR A 828 33.32 49.25 17.53
N THR A 829 32.25 48.60 17.04
CA THR A 829 31.39 49.21 16.03
C THR A 829 30.01 49.61 16.54
N GLY A 830 29.57 49.05 17.67
CA GLY A 830 28.28 49.45 18.20
C GLY A 830 27.06 48.82 17.57
N PHE A 831 27.23 47.75 16.78
CA PHE A 831 26.11 47.02 16.23
C PHE A 831 26.00 45.65 16.87
N PRO A 832 24.79 45.11 17.04
CA PRO A 832 24.65 43.76 17.61
C PRO A 832 25.42 42.75 16.77
N SER A 833 26.29 41.98 17.43
CA SER A 833 27.25 41.15 16.73
C SER A 833 26.61 39.91 16.11
N LEU A 834 25.56 39.37 16.73
CA LEU A 834 24.94 38.15 16.24
C LEU A 834 23.44 38.24 16.43
N ILE A 835 22.70 37.95 15.36
CA ILE A 835 21.23 38.00 15.38
C ILE A 835 20.69 36.65 14.94
N THR A 836 19.87 36.04 15.78
CA THR A 836 19.20 34.77 15.48
C THR A 836 17.78 35.06 15.04
N ILE A 837 17.37 34.46 13.93
CA ILE A 837 16.04 34.66 13.35
C ILE A 837 15.34 33.32 13.25
N PHE A 838 14.09 33.27 13.74
CA PHE A 838 13.25 32.08 13.67
C PHE A 838 11.92 32.47 13.04
N SER A 839 11.46 31.70 12.07
CA SER A 839 10.26 32.02 11.32
C SER A 839 9.30 30.83 11.23
N ALA A 840 9.27 29.98 12.24
CA ALA A 840 8.34 28.85 12.29
C ALA A 840 7.36 29.06 13.42
N PRO A 841 6.28 29.82 13.22
CA PRO A 841 5.34 30.07 14.31
C PRO A 841 4.65 28.79 14.77
N ASN A 842 4.48 28.70 16.09
CA ASN A 842 3.97 27.49 16.74
C ASN A 842 4.79 26.27 16.34
N TYR A 843 6.09 26.34 16.67
CA TYR A 843 7.01 25.26 16.35
C TYR A 843 6.59 23.97 17.02
N LEU A 844 6.48 22.91 16.23
CA LEU A 844 5.95 21.61 16.67
C LEU A 844 4.55 21.73 17.25
N ASP A 845 3.87 22.86 17.03
CA ASP A 845 2.52 23.11 17.51
C ASP A 845 2.40 23.00 19.02
N VAL A 846 3.51 23.08 19.75
CA VAL A 846 3.49 22.96 21.20
C VAL A 846 4.24 24.14 21.83
N TYR A 847 5.10 24.79 21.05
CA TYR A 847 5.91 25.89 21.58
C TYR A 847 5.10 27.17 21.75
N ASN A 848 4.12 27.42 20.90
CA ASN A 848 3.25 28.59 20.97
C ASN A 848 4.04 29.90 20.86
N ASN A 849 5.21 29.85 20.24
CA ASN A 849 6.03 31.04 20.09
C ASN A 849 5.59 31.85 18.87
N LYS A 850 6.26 32.98 18.66
CA LYS A 850 6.00 33.84 17.52
C LYS A 850 7.07 33.64 16.45
N ALA A 851 6.87 34.29 15.31
CA ALA A 851 7.82 34.24 14.22
C ALA A 851 8.22 35.66 13.81
N ALA A 852 9.46 35.80 13.36
CA ALA A 852 9.99 37.12 13.03
C ALA A 852 10.75 37.04 11.71
N VAL A 853 10.77 38.18 11.00
CA VAL A 853 11.44 38.29 9.71
C VAL A 853 12.23 39.60 9.69
N LEU A 854 13.38 39.56 9.01
CA LEU A 854 14.40 40.60 9.09
C LEU A 854 14.47 41.34 7.76
N LYS A 855 14.05 42.60 7.74
CA LYS A 855 14.05 43.40 6.54
C LYS A 855 15.15 44.46 6.62
N TYR A 856 15.98 44.54 5.57
CA TYR A 856 17.05 45.52 5.49
C TYR A 856 16.83 46.35 4.22
N GLU A 857 16.69 47.65 4.39
CA GLU A 857 16.45 48.53 3.25
C GLU A 857 16.80 49.96 3.61
N ASN A 858 17.57 50.62 2.73
CA ASN A 858 17.99 52.00 2.91
C ASN A 858 18.73 52.19 4.24
N ASN A 859 19.62 51.24 4.55
CA ASN A 859 20.37 51.21 5.81
C ASN A 859 19.44 51.21 7.02
N VAL A 860 18.23 50.68 6.86
CA VAL A 860 17.22 50.62 7.90
C VAL A 860 16.88 49.16 8.17
N MET A 861 16.91 48.78 9.44
CA MET A 861 16.70 47.40 9.87
C MET A 861 15.37 47.33 10.61
N ASN A 862 14.44 46.51 10.11
CA ASN A 862 13.11 46.38 10.68
C ASN A 862 12.74 44.92 10.83
N ILE A 863 12.30 44.53 12.02
CA ILE A 863 11.91 43.16 12.31
C ILE A 863 10.40 43.10 12.41
N ARG A 864 9.78 42.29 11.55
CA ARG A 864 8.34 42.17 11.48
C ARG A 864 7.92 40.82 12.06
N GLN A 865 6.91 40.83 12.93
CA GLN A 865 6.46 39.63 13.60
C GLN A 865 5.13 39.14 13.02
N PHE A 866 4.95 37.82 13.06
CA PHE A 866 3.70 37.20 12.65
C PHE A 866 3.52 35.91 13.44
N ASN A 867 2.27 35.46 13.51
CA ASN A 867 1.88 34.32 14.34
C ASN A 867 1.47 33.14 13.47
N CYS A 868 1.00 32.08 14.15
CA CYS A 868 0.64 30.85 13.48
C CYS A 868 -0.67 31.00 12.72
N SER A 869 -0.89 30.07 11.80
CA SER A 869 -2.10 29.99 10.99
C SER A 869 -2.63 28.57 10.99
N PRO A 870 -3.94 28.38 10.80
CA PRO A 870 -4.51 27.03 10.81
C PRO A 870 -3.94 26.17 9.68
N HIS A 871 -3.78 24.88 10.00
CA HIS A 871 -3.34 23.89 9.03
C HIS A 871 -4.11 22.60 9.26
N PRO A 872 -4.41 21.84 8.21
CA PRO A 872 -5.12 20.58 8.40
C PRO A 872 -4.30 19.59 9.22
N TYR A 873 -5.02 18.74 9.95
CA TYR A 873 -4.40 17.81 10.88
C TYR A 873 -4.11 16.48 10.18
N TRP A 874 -3.02 15.85 10.58
CA TRP A 874 -2.64 14.51 10.12
C TRP A 874 -2.38 13.62 11.32
N LEU A 875 -2.81 12.37 11.23
CA LEU A 875 -2.47 11.40 12.25
C LEU A 875 -0.96 11.15 12.25
N PRO A 876 -0.40 10.75 13.39
CA PRO A 876 1.05 10.51 13.47
C PRO A 876 1.55 9.55 12.41
N ASN A 877 2.74 9.84 11.88
CA ASN A 877 3.42 8.97 10.93
C ASN A 877 2.66 8.82 9.61
N PHE A 878 1.84 9.82 9.27
CA PHE A 878 1.20 9.94 7.96
C PHE A 878 0.35 8.72 7.59
N MET A 879 -0.32 8.10 8.56
CA MET A 879 -1.11 6.92 8.24
C MET A 879 -2.53 7.31 7.87
N ASP A 880 -3.21 6.39 7.18
CA ASP A 880 -4.63 6.53 6.89
C ASP A 880 -5.46 6.15 8.12
N VAL A 881 -6.76 6.42 8.05
CA VAL A 881 -7.63 6.14 9.17
C VAL A 881 -7.80 4.64 9.42
N PHE A 882 -7.76 3.82 8.37
CA PHE A 882 -7.93 2.38 8.55
C PHE A 882 -6.79 1.78 9.36
N THR A 883 -5.55 2.17 9.08
CA THR A 883 -4.42 1.68 9.87
C THR A 883 -4.50 2.19 11.30
N TRP A 884 -5.04 3.40 11.49
CA TRP A 884 -5.26 3.94 12.82
C TRP A 884 -6.27 3.10 13.60
N SER A 885 -7.34 2.66 12.93
CA SER A 885 -8.51 2.15 13.63
C SER A 885 -8.59 0.63 13.73
N LEU A 886 -7.95 -0.10 12.82
CA LEU A 886 -8.19 -1.54 12.75
C LEU A 886 -7.85 -2.31 14.03
N PRO A 887 -6.70 -2.12 14.68
CA PRO A 887 -6.43 -2.91 15.90
C PRO A 887 -7.43 -2.68 17.02
N PHE A 888 -7.91 -1.46 17.19
CA PHE A 888 -8.92 -1.19 18.20
C PHE A 888 -10.23 -1.90 17.90
N VAL A 889 -10.66 -1.89 16.64
CA VAL A 889 -11.85 -2.64 16.22
C VAL A 889 -11.67 -4.12 16.56
N GLY A 890 -10.53 -4.68 16.14
CA GLY A 890 -10.29 -6.08 16.40
C GLY A 890 -10.31 -6.43 17.87
N GLU A 891 -9.62 -5.64 18.69
CA GLU A 891 -9.58 -5.90 20.13
C GLU A 891 -10.95 -5.80 20.78
N LYS A 892 -11.73 -4.76 20.46
CA LYS A 892 -13.04 -4.63 21.10
C LYS A 892 -14.00 -5.72 20.65
N VAL A 893 -14.02 -6.07 19.36
CA VAL A 893 -14.93 -7.13 18.93
C VAL A 893 -14.50 -8.48 19.51
N THR A 894 -13.18 -8.70 19.62
CA THR A 894 -12.72 -9.93 20.25
C THR A 894 -13.11 -9.98 21.72
N GLU A 895 -12.98 -8.87 22.44
CA GLU A 895 -13.39 -8.84 23.83
C GLU A 895 -14.88 -9.09 23.98
N MET A 896 -15.69 -8.50 23.11
CA MET A 896 -17.13 -8.76 23.12
C MET A 896 -17.42 -10.25 22.91
N LEU A 897 -16.83 -10.84 21.88
CA LEU A 897 -17.12 -12.24 21.58
C LEU A 897 -16.61 -13.18 22.67
N VAL A 898 -15.51 -12.82 23.32
CA VAL A 898 -15.02 -13.63 24.44
C VAL A 898 -15.94 -13.51 25.65
N ASN A 899 -16.43 -12.29 25.94
CA ASN A 899 -17.31 -12.10 27.09
C ASN A 899 -18.64 -12.79 26.87
N VAL A 900 -19.12 -12.85 25.62
CA VAL A 900 -20.41 -13.47 25.34
C VAL A 900 -20.29 -14.99 25.35
N LEU A 901 -19.43 -15.51 24.48
CA LEU A 901 -19.39 -16.95 24.22
C LEU A 901 -18.64 -17.72 25.30
N ASN A 902 -17.35 -17.42 25.47
CA ASN A 902 -16.50 -18.26 26.31
C ASN A 902 -16.95 -18.28 27.77
N LEU A 903 -17.17 -17.10 28.35
CA LEU A 903 -17.55 -16.98 29.75
C LEU A 903 -16.56 -17.69 30.68
N GLY B 4 7.90 -1.91 35.46
CA GLY B 4 8.90 -0.86 35.58
C GLY B 4 8.39 0.50 35.16
N VAL B 5 7.73 1.20 36.09
CA VAL B 5 7.20 2.53 35.85
C VAL B 5 7.87 3.50 36.82
N GLU B 6 8.47 4.55 36.27
CA GLU B 6 9.18 5.56 37.05
C GLU B 6 8.55 6.92 36.80
N ILE B 7 8.36 7.68 37.86
CA ILE B 7 7.85 9.04 37.78
C ILE B 7 8.89 9.99 38.36
N GLU B 8 9.56 10.73 37.50
CA GLU B 8 10.49 11.77 37.91
C GLU B 8 9.84 13.12 37.70
N THR B 9 9.68 13.87 38.78
CA THR B 9 8.85 15.07 38.77
C THR B 9 9.46 16.14 37.87
N ILE B 10 8.61 16.78 37.07
CA ILE B 10 8.99 17.96 36.29
C ILE B 10 8.45 19.22 36.93
N SER B 11 7.17 19.21 37.31
CA SER B 11 6.55 20.32 38.03
C SER B 11 5.42 19.76 38.89
N PRO B 12 5.45 20.01 40.19
CA PRO B 12 4.42 19.45 41.07
C PRO B 12 3.07 20.14 40.90
N GLY B 13 2.03 19.42 41.28
CA GLY B 13 0.67 19.90 41.25
C GLY B 13 0.19 20.33 42.62
N ASP B 14 -1.11 20.12 42.88
CA ASP B 14 -1.70 20.47 44.16
C ASP B 14 -1.23 19.56 45.29
N GLY B 15 -0.94 18.29 45.00
CA GLY B 15 -0.43 17.38 46.01
C GLY B 15 -1.45 16.89 47.01
N ARG B 16 -2.74 17.10 46.77
CA ARG B 16 -3.77 16.65 47.70
C ARG B 16 -4.81 15.79 47.01
N THR B 17 -4.99 15.97 45.71
CA THR B 17 -5.98 15.25 44.93
C THR B 17 -5.26 14.27 44.00
N PHE B 18 -5.59 12.99 44.12
CA PHE B 18 -5.05 11.95 43.27
C PHE B 18 -6.17 11.19 42.57
N PRO B 19 -5.93 10.68 41.37
CA PRO B 19 -6.98 9.94 40.66
C PRO B 19 -7.42 8.69 41.42
N LYS B 20 -8.71 8.42 41.36
CA LYS B 20 -9.33 7.26 41.97
C LYS B 20 -9.99 6.41 40.90
N LYS B 21 -10.39 5.20 41.27
CA LYS B 21 -11.11 4.33 40.35
C LYS B 21 -12.49 4.89 40.04
N GLY B 22 -12.83 4.91 38.76
CA GLY B 22 -14.18 5.22 38.33
C GLY B 22 -14.36 6.52 37.56
N GLN B 23 -13.56 7.56 37.82
CA GLN B 23 -13.80 8.81 37.13
C GLN B 23 -12.82 8.99 35.97
N THR B 24 -13.00 10.10 35.25
CA THR B 24 -12.32 10.34 33.98
C THR B 24 -11.24 11.40 34.15
N CYS B 25 -10.03 11.10 33.71
CA CYS B 25 -8.95 12.08 33.64
C CYS B 25 -8.89 12.68 32.24
N VAL B 26 -8.90 14.01 32.19
CA VAL B 26 -8.72 14.76 30.95
C VAL B 26 -7.35 15.41 31.01
N VAL B 27 -6.46 15.03 30.07
CA VAL B 27 -5.05 15.36 30.13
C VAL B 27 -4.54 15.80 28.77
N HIS B 28 -3.40 16.50 28.78
CA HIS B 28 -2.54 16.63 27.62
C HIS B 28 -1.28 15.82 27.84
N TYR B 29 -0.87 15.08 26.81
CA TYR B 29 0.30 14.23 26.90
C TYR B 29 1.16 14.41 25.66
N THR B 30 2.44 14.10 25.81
CA THR B 30 3.38 14.15 24.69
C THR B 30 4.37 13.01 24.87
N GLY B 31 4.34 12.05 23.97
CA GLY B 31 5.16 10.85 24.08
C GLY B 31 6.32 10.89 23.11
N MET B 32 7.43 10.28 23.51
CA MET B 32 8.62 10.17 22.68
C MET B 32 9.26 8.81 22.90
N LEU B 33 10.02 8.37 21.91
CA LEU B 33 10.84 7.17 22.06
C LEU B 33 12.10 7.50 22.87
N GLN B 34 12.94 6.49 23.06
CA GLN B 34 14.17 6.68 23.83
C GLN B 34 15.12 7.66 23.14
N ASN B 35 14.97 7.88 21.85
CA ASN B 35 15.79 8.84 21.13
C ASN B 35 15.24 10.26 21.21
N GLY B 36 14.10 10.45 21.88
CA GLY B 36 13.50 11.76 22.00
C GLY B 36 12.64 12.19 20.83
N LYS B 37 12.49 11.34 19.81
CA LYS B 37 11.68 11.68 18.66
C LYS B 37 10.21 11.70 19.05
N LYS B 38 9.51 12.76 18.66
CA LYS B 38 8.10 12.88 18.99
C LYS B 38 7.27 11.98 18.08
N PHE B 39 6.53 11.05 18.68
CA PHE B 39 5.61 10.21 17.92
C PHE B 39 4.15 10.60 18.09
N ASP B 40 3.78 11.20 19.22
CA ASP B 40 2.41 11.67 19.40
C ASP B 40 2.40 12.75 20.47
N SER B 41 1.45 13.66 20.35
CA SER B 41 1.27 14.73 21.32
C SER B 41 -0.14 15.29 21.17
N SER B 42 -0.92 15.25 22.24
CA SER B 42 -2.30 15.71 22.19
C SER B 42 -2.40 17.22 22.03
N ARG B 43 -1.32 17.96 22.30
CA ARG B 43 -1.36 19.41 22.18
C ARG B 43 -1.53 19.85 20.72
N ASP B 44 -0.99 19.07 19.78
CA ASP B 44 -1.11 19.42 18.38
C ASP B 44 -2.56 19.42 17.90
N ARG B 45 -3.42 18.62 18.54
CA ARG B 45 -4.82 18.55 18.18
C ARG B 45 -5.66 19.66 18.78
N ASN B 46 -5.11 20.42 19.73
CA ASN B 46 -5.84 21.46 20.46
C ASN B 46 -7.10 20.90 21.11
N LYS B 47 -6.99 19.69 21.63
CA LYS B 47 -8.07 19.04 22.36
C LYS B 47 -7.50 17.95 23.27
N PRO B 48 -7.84 17.95 24.55
CA PRO B 48 -7.24 16.98 25.47
C PRO B 48 -7.89 15.61 25.35
N PHE B 49 -7.19 14.62 25.88
CA PHE B 49 -7.61 13.22 25.83
C PHE B 49 -8.20 12.80 27.17
N LYS B 50 -9.29 12.04 27.11
CA LYS B 50 -10.00 11.59 28.30
C LYS B 50 -9.91 10.07 28.43
N PHE B 51 -9.64 9.60 29.64
CA PHE B 51 -9.55 8.17 29.88
C PHE B 51 -10.03 7.85 31.30
N ARG B 52 -10.57 6.64 31.46
CA ARG B 52 -11.18 6.21 32.71
C ARG B 52 -10.28 5.21 33.42
N ILE B 53 -10.20 5.32 34.74
CA ILE B 53 -9.35 4.45 35.54
C ILE B 53 -10.12 3.20 35.92
N GLY B 54 -9.50 2.04 35.77
CA GLY B 54 -10.10 0.78 36.14
C GLY B 54 -10.84 0.06 35.05
N LYS B 55 -10.87 0.61 33.84
CA LYS B 55 -11.56 -0.01 32.71
C LYS B 55 -10.58 -0.62 31.71
N GLN B 56 -9.28 -0.61 32.00
CA GLN B 56 -8.25 -1.15 31.12
C GLN B 56 -8.31 -0.54 29.73
N GLU B 57 -8.50 0.77 29.65
CA GLU B 57 -8.58 1.46 28.36
C GLU B 57 -7.23 1.91 27.84
N VAL B 58 -6.30 2.26 28.71
CA VAL B 58 -4.96 2.69 28.33
C VAL B 58 -3.98 1.59 28.72
N ILE B 59 -2.72 1.75 28.31
CA ILE B 59 -1.70 0.79 28.69
C ILE B 59 -1.50 0.84 30.20
N LYS B 60 -0.99 -0.27 30.75
CA LYS B 60 -0.86 -0.40 32.20
C LYS B 60 0.08 0.66 32.77
N GLY B 61 1.19 0.92 32.07
CA GLY B 61 2.15 1.88 32.57
C GLY B 61 1.59 3.29 32.67
N PHE B 62 0.84 3.72 31.65
CA PHE B 62 0.27 5.06 31.67
C PHE B 62 -0.73 5.21 32.80
N GLU B 63 -1.57 4.20 33.02
CA GLU B 63 -2.53 4.25 34.11
C GLU B 63 -1.83 4.27 35.46
N GLU B 64 -0.78 3.46 35.61
CA GLU B 64 -0.01 3.47 36.86
C GLU B 64 0.62 4.82 37.11
N GLY B 65 1.19 5.42 36.07
CA GLY B 65 1.78 6.75 36.21
C GLY B 65 0.75 7.80 36.59
N ALA B 66 -0.44 7.72 35.98
CA ALA B 66 -1.50 8.65 36.34
C ALA B 66 -1.98 8.44 37.77
N ALA B 67 -1.93 7.20 38.25
CA ALA B 67 -2.37 6.89 39.60
C ALA B 67 -1.54 7.61 40.67
N GLN B 68 -0.22 7.69 40.48
CA GLN B 68 0.65 8.36 41.44
C GLN B 68 0.90 9.82 41.13
N MET B 69 0.26 10.36 40.10
CA MET B 69 0.45 11.74 39.68
C MET B 69 -0.83 12.54 39.92
N SER B 70 -0.67 13.71 40.53
CA SER B 70 -1.79 14.44 41.12
C SER B 70 -2.38 15.46 40.15
N LEU B 71 -3.51 16.04 40.57
CA LEU B 71 -4.21 17.03 39.74
C LEU B 71 -3.33 18.26 39.52
N GLY B 72 -3.08 18.57 38.26
CA GLY B 72 -2.24 19.68 37.87
C GLY B 72 -0.76 19.35 37.78
N GLN B 73 -0.35 18.18 38.25
CA GLN B 73 1.05 17.78 38.18
C GLN B 73 1.47 17.52 36.74
N ARG B 74 2.72 17.84 36.44
CA ARG B 74 3.34 17.52 35.17
C ARG B 74 4.60 16.72 35.43
N ALA B 75 4.69 15.54 34.81
CA ALA B 75 5.82 14.65 35.08
C ALA B 75 6.20 13.92 33.81
N LYS B 76 7.28 13.16 33.90
CA LYS B 76 7.72 12.30 32.81
C LYS B 76 7.64 10.84 33.26
N LEU B 77 6.97 10.03 32.46
CA LEU B 77 6.78 8.61 32.73
C LEU B 77 7.67 7.81 31.81
N THR B 78 8.46 6.91 32.39
CA THR B 78 9.31 5.99 31.65
C THR B 78 8.65 4.61 31.69
N CYS B 79 8.15 4.15 30.54
CA CYS B 79 7.40 2.91 30.45
C CYS B 79 8.19 1.91 29.64
N THR B 80 8.65 0.85 30.30
CA THR B 80 9.30 -0.25 29.62
C THR B 80 8.25 -1.05 28.84
N PRO B 81 8.68 -1.85 27.85
CA PRO B 81 7.69 -2.54 26.99
C PRO B 81 6.74 -3.45 27.75
N ASP B 82 7.10 -3.96 28.92
CA ASP B 82 6.17 -4.81 29.67
C ASP B 82 4.93 -4.06 30.13
N VAL B 83 5.02 -2.74 30.30
CA VAL B 83 3.87 -1.91 30.61
C VAL B 83 3.51 -1.01 29.42
N ALA B 84 3.82 -1.46 28.21
CA ALA B 84 3.57 -0.72 26.99
C ALA B 84 3.10 -1.68 25.91
N TYR B 85 3.15 -1.25 24.65
CA TYR B 85 2.67 -2.05 23.52
C TYR B 85 3.49 -3.31 23.30
N GLY B 86 4.54 -3.53 24.08
CA GLY B 86 5.28 -4.77 24.07
C GLY B 86 5.95 -5.06 22.74
N ALA B 87 6.25 -6.33 22.50
CA ALA B 87 6.89 -6.74 21.26
C ALA B 87 5.94 -6.66 20.07
N THR B 88 4.63 -6.73 20.31
CA THR B 88 3.68 -6.56 19.22
C THR B 88 3.68 -5.14 18.69
N GLY B 89 3.76 -4.16 19.58
CA GLY B 89 3.77 -2.77 19.17
C GLY B 89 2.41 -2.31 18.67
N HIS B 90 2.42 -1.15 18.02
CA HIS B 90 1.22 -0.58 17.43
C HIS B 90 1.50 -0.28 15.96
N PRO B 91 0.73 -0.86 15.04
CA PRO B 91 1.02 -0.66 13.61
C PRO B 91 1.01 0.81 13.22
N GLY B 92 2.14 1.29 12.72
CA GLY B 92 2.25 2.63 12.19
C GLY B 92 2.80 3.66 13.13
N VAL B 93 2.82 3.41 14.44
CA VAL B 93 3.28 4.41 15.39
C VAL B 93 4.50 3.90 16.15
N ILE B 94 4.32 2.83 16.90
CA ILE B 94 5.27 2.38 17.91
C ILE B 94 6.09 1.24 17.32
N PRO B 95 7.42 1.34 17.25
CA PRO B 95 8.24 0.21 16.85
C PRO B 95 8.25 -0.85 17.94
N PRO B 96 8.53 -2.11 17.61
CA PRO B 96 8.43 -3.16 18.62
C PRO B 96 9.56 -3.10 19.63
N ASN B 97 9.27 -3.56 20.85
CA ASN B 97 10.22 -3.57 21.96
C ASN B 97 10.81 -2.19 22.23
N ALA B 98 9.96 -1.17 22.20
CA ALA B 98 10.42 0.21 22.41
C ALA B 98 10.08 0.69 23.81
N THR B 99 10.98 1.47 24.39
CA THR B 99 10.77 2.08 25.70
C THR B 99 10.22 3.48 25.50
N LEU B 100 9.13 3.79 26.20
CA LEU B 100 8.35 4.98 25.94
C LEU B 100 8.62 6.03 27.02
N ILE B 101 8.61 7.29 26.62
CA ILE B 101 8.74 8.43 27.53
C ILE B 101 7.56 9.35 27.28
N PHE B 102 6.81 9.64 28.32
CA PHE B 102 5.59 10.43 28.19
C PHE B 102 5.64 11.67 29.09
N ASP B 103 5.39 12.83 28.51
CA ASP B 103 5.27 14.08 29.25
C ASP B 103 3.80 14.27 29.57
N VAL B 104 3.42 13.94 30.80
CA VAL B 104 2.02 13.86 31.19
C VAL B 104 1.67 15.04 32.08
N GLU B 105 0.57 15.72 31.73
CA GLU B 105 0.02 16.81 32.52
C GLU B 105 -1.47 16.56 32.73
N LEU B 106 -1.86 16.39 34.00
CA LEU B 106 -3.26 16.14 34.35
C LEU B 106 -3.99 17.48 34.42
N LEU B 107 -5.01 17.65 33.56
CA LEU B 107 -5.77 18.88 33.54
C LEU B 107 -7.00 18.82 34.44
N ASN B 108 -7.87 17.84 34.25
CA ASN B 108 -9.15 17.86 34.95
C ASN B 108 -9.55 16.45 35.34
N LEU B 109 -10.34 16.37 36.42
CA LEU B 109 -10.89 15.12 36.92
C LEU B 109 -12.41 15.23 36.91
N GLU B 110 -13.08 14.22 36.36
CA GLU B 110 -14.52 14.21 36.24
C GLU B 110 -15.11 12.90 36.78
N GLY C 1 -8.40 -34.70 -35.46
CA GLY C 1 -9.47 -35.50 -34.93
C GLY C 1 -9.15 -36.97 -34.74
N ASN C 2 -9.95 -37.85 -35.35
CA ASN C 2 -9.81 -39.28 -35.21
C ASN C 2 -9.98 -39.94 -36.59
N TRP C 3 -9.34 -39.36 -37.60
CA TRP C 3 -9.45 -39.85 -38.96
C TRP C 3 -8.06 -39.87 -39.58
N HIS C 4 -8.00 -40.21 -40.87
CA HIS C 4 -6.77 -40.15 -41.65
C HIS C 4 -6.93 -39.07 -42.71
N GLY C 5 -5.96 -38.16 -42.79
CA GLY C 5 -6.08 -37.05 -43.71
C GLY C 5 -4.88 -36.13 -43.60
N THR C 6 -5.06 -34.92 -44.11
CA THR C 6 -3.99 -33.93 -44.24
C THR C 6 -4.01 -32.89 -43.12
N SER C 7 -4.25 -33.32 -41.88
CA SER C 7 -4.35 -32.39 -40.77
C SER C 7 -3.66 -32.99 -39.56
N PRO C 8 -3.07 -32.16 -38.70
CA PRO C 8 -2.77 -32.59 -37.33
C PRO C 8 -3.90 -32.20 -36.39
N ASP C 9 -4.33 -33.14 -35.56
CA ASP C 9 -5.44 -32.90 -34.66
C ASP C 9 -5.35 -33.90 -33.51
N TRP C 10 -6.14 -33.64 -32.46
CA TRP C 10 -5.94 -34.20 -31.12
C TRP C 10 -5.59 -35.69 -31.09
N PHE C 11 -6.49 -36.56 -31.56
CA PHE C 11 -6.17 -37.98 -31.52
C PHE C 11 -5.44 -38.41 -32.79
N PHE C 12 -6.12 -38.29 -33.93
CA PHE C 12 -5.58 -38.61 -35.24
C PHE C 12 -5.71 -37.40 -36.17
N ASN C 13 -5.46 -37.65 -37.45
CA ASN C 13 -5.57 -36.61 -38.46
C ASN C 13 -7.03 -36.28 -38.75
N TYR C 14 -7.23 -35.19 -39.48
CA TYR C 14 -8.53 -34.79 -39.98
C TYR C 14 -8.51 -34.78 -41.51
N TYR C 15 -9.68 -35.06 -42.09
CA TYR C 15 -9.84 -35.10 -43.54
C TYR C 15 -9.31 -33.83 -44.22
CA CA D . -35.74 -12.09 21.93
CA CA E . -32.54 -12.76 11.52
CA CA F . -21.45 1.44 1.91
CA CA G . -12.87 2.17 -5.59
FE FE H . 18.07 23.21 12.55
ZN ZN I . 18.81 23.62 11.68
C1 FK5 J . -2.89 4.45 24.68
C2 FK5 J . -1.73 5.35 24.99
C3 FK5 J . -1.97 6.01 26.35
C4 FK5 J . -3.07 7.05 26.27
C5 FK5 J . -2.74 8.12 25.25
C6 FK5 J . -2.51 7.52 23.87
C8 FK5 J . -0.53 6.29 23.13
C9 FK5 J . -0.31 7.23 22.12
C10 FK5 J . -0.88 7.04 20.71
C11 FK5 J . -0.87 5.56 20.31
C12 FK5 J . -1.68 5.33 19.04
C13 FK5 J . -3.04 6.00 19.17
C14 FK5 J . -2.82 7.47 19.45
C15 FK5 J . -4.13 8.26 19.52
C16 FK5 J . -5.16 7.54 20.39
C17 FK5 J . -6.24 8.46 20.93
C18 FK5 J . -7.37 8.61 19.91
C19 FK5 J . -8.31 7.44 20.05
C20 FK5 J . -8.08 6.23 19.25
C21 FK5 J . -8.80 4.96 19.61
C22 FK5 J . -7.93 4.15 20.52
C23 FK5 J . -8.14 4.23 22.01
C24 FK5 J . -7.00 3.52 22.74
C25 FK5 J . -5.78 4.42 22.86
C26 FK5 J . -4.62 3.68 23.52
C27 FK5 J . -4.26 2.48 22.68
C28 FK5 J . -4.53 1.14 23.19
C29 FK5 J . -4.25 -0.07 22.34
C30 FK5 J . -3.51 -1.10 23.18
C31 FK5 J . -3.36 -2.44 22.45
C32 FK5 J . -4.70 -2.96 21.97
C33 FK5 J . -5.39 -1.93 21.09
C34 FK5 J . -5.59 -0.64 21.88
C35 FK5 J . 0.54 5.04 20.12
C36 FK5 J . -5.67 9.82 21.31
C37 FK5 J . -9.48 7.52 20.98
C38 FK5 J . -9.08 4.15 18.35
C39 FK5 J . -9.90 4.94 17.37
C40 FK5 J . -9.26 5.57 16.21
C41 FK5 J . -6.11 5.69 23.62
C42 FK5 J . -3.62 2.68 21.34
C43 FK5 J . -4.46 4.54 18.06
C44 FK5 J . -4.22 9.70 17.70
C45 FK5 J . -1.37 -3.38 23.25
N7 FK5 J . -1.56 6.39 23.96
O1 FK5 J . -3.51 4.55 23.60
O2 FK5 J . -3.30 3.47 25.62
O3 FK5 J . 0.36 5.21 23.31
O4 FK5 J . 0.44 8.38 22.40
O5 FK5 J . -2.19 7.57 20.69
O6 FK5 J . -0.07 7.76 19.77
O7 FK5 J . -3.80 5.78 18.00
O8 FK5 J . -4.65 8.46 18.22
O9 FK5 J . -6.93 3.32 19.98
O10 FK5 J . -7.43 3.15 24.02
O11 FK5 J . -2.78 -3.38 23.33
O12 FK5 J . -4.50 -4.15 21.22
#